data_5O2L
#
_entry.id   5O2L
#
_cell.length_a   72.340
_cell.length_b   83.830
_cell.length_c   177.660
_cell.angle_alpha   90.00
_cell.angle_beta   90.00
_cell.angle_gamma   90.00
#
_symmetry.space_group_name_H-M   'P 21 21 21'
#
loop_
_entity.id
_entity.type
_entity.pdbx_description
1 polymer 'Unconventional myosin-VI'
2 non-polymer "ADENOSINE-5'-DIPHOSPHATE"
3 non-polymer 'MAGNESIUM ION'
4 non-polymer 'BERYLLIUM TRIFLUORIDE ION'
5 non-polymer GLYCEROL
6 water water
#
_entity_poly.entity_id   1
_entity_poly.type   'polypeptide(L)'
_entity_poly.pdbx_seq_one_letter_code
;KPVWAPHPTDGFQVGNIVDIGPDSLTIEPLNQKGKTFLALINQVFPAEEDSKKDVEDNCSLMYLNEATLLHNIKVRYSKD
RIYTYVANILIAVNPYFDIPKIYSSETIKSYQGKSLGTMPPHVFAIADKAFRDMKVLKLSQSIIVSGESGAGKTENTKFV
LRYLTESYGTGQDIDDRIVEANPLLEAFGNAKTVRNNNSSRFGKFVEIHFNEKSSVVGGFVSHYLLEKSRICVQGKEERN
YHIFYRLCAGASEDIRERLHLSSPDNFRYLNRGCTRYFANKETDKQILQNRKSPEYLKAGSLKDPLLDDHGDFIRMCTAM
KKIGLDDEEKLDLFRVVAGVLHLGNIDFEEAGSTSGGCNLKNKSTQALEYCAELLGLDQDDLRVSLTTRVMLTTAGGAKG
TVIKVPLKVEQANNARDALAKTVYSHLFDHVVNRVNQCFPFETSSYFIGVLDIAGFEYFEHNSFEQFCINYCNEKLQQFF
NERILKEEQELYQKEGLGVNEVHYVDNQDCIDLIEARLVGILDILDEENRLPQPSDQHFTSAVHQKHKDHFRLSIPRKSK
LAIHRNIRDDEGFIIRHFAGAVCYETTQFVEKNNDALHMSLESLICESRDKFIRELFESSTNNNKDTKQKAGKLSFISVG
NKFKTQLNLLLDKLRSTGASFIRCIKPNLKMTSHHFEGAQILSQLQCSGMVSVLDLMQGGFPSRASFHELYNMYKKYMPD
KLARLDPRLFCKALFKALGLNEIDYKFGLTKVFFRPGKFAEFDQIMKSDPDHLAELVKRVNHWLI
;
_entity_poly.pdbx_strand_id   A
#
# COMPACT_ATOMS: atom_id res chain seq x y z
N LYS A 1 0.55 -34.36 21.14
CA LYS A 1 -0.77 -34.16 21.76
C LYS A 1 -1.28 -32.68 21.62
N PRO A 2 -0.48 -31.59 21.89
CA PRO A 2 -1.01 -30.20 21.76
C PRO A 2 -1.50 -29.74 20.39
N VAL A 3 -2.58 -28.95 20.43
CA VAL A 3 -3.20 -28.37 19.23
C VAL A 3 -3.48 -26.86 19.43
N TRP A 4 -3.89 -26.19 18.35
CA TRP A 4 -4.30 -24.80 18.36
C TRP A 4 -5.80 -24.73 18.16
N ALA A 5 -6.49 -24.07 19.08
CA ALA A 5 -7.94 -23.95 19.05
C ALA A 5 -8.29 -22.50 19.19
N PRO A 6 -9.47 -22.03 18.72
CA PRO A 6 -9.72 -20.58 18.71
C PRO A 6 -9.72 -19.90 20.08
N HIS A 7 -9.44 -18.59 20.05
CA HIS A 7 -9.37 -17.68 21.20
C HIS A 7 -9.82 -16.30 20.69
N PRO A 8 -10.76 -15.62 21.38
CA PRO A 8 -11.30 -14.35 20.83
C PRO A 8 -10.31 -13.19 20.70
N THR A 9 -9.25 -13.12 21.52
CA THR A 9 -8.34 -11.98 21.40
C THR A 9 -6.95 -12.40 20.91
N ASP A 10 -6.56 -13.68 21.13
CA ASP A 10 -5.26 -14.17 20.69
C ASP A 10 -5.34 -14.85 19.32
N GLY A 11 -6.55 -15.11 18.82
CA GLY A 11 -6.75 -15.82 17.56
C GLY A 11 -6.77 -17.31 17.85
N PHE A 12 -5.68 -17.81 18.43
CA PHE A 12 -5.56 -19.21 18.82
C PHE A 12 -4.97 -19.35 20.22
N GLN A 13 -5.28 -20.47 20.90
CA GLN A 13 -4.75 -20.81 22.20
C GLN A 13 -4.34 -22.27 22.15
N VAL A 14 -3.41 -22.69 23.03
CA VAL A 14 -2.94 -24.08 23.13
C VAL A 14 -3.97 -24.87 23.89
N GLY A 15 -4.35 -26.01 23.33
CA GLY A 15 -5.30 -26.90 23.94
C GLY A 15 -4.96 -28.34 23.62
N ASN A 16 -5.74 -29.26 24.17
CA ASN A 16 -5.65 -30.70 23.94
C ASN A 16 -7.00 -31.16 23.48
N ILE A 17 -7.06 -32.12 22.54
CA ILE A 17 -8.34 -32.69 22.11
C ILE A 17 -8.74 -33.70 23.18
N VAL A 18 -9.95 -33.56 23.76
CA VAL A 18 -10.39 -34.54 24.76
C VAL A 18 -11.52 -35.42 24.16
N ASP A 19 -12.27 -34.87 23.19
CA ASP A 19 -13.32 -35.60 22.50
C ASP A 19 -13.49 -35.13 21.07
N ILE A 20 -13.43 -36.07 20.11
CA ILE A 20 -13.64 -35.82 18.69
C ILE A 20 -15.10 -36.17 18.41
N GLY A 21 -15.78 -35.29 17.70
CA GLY A 21 -17.18 -35.50 17.33
C GLY A 21 -17.42 -35.31 15.85
N PRO A 22 -18.60 -35.75 15.35
CA PRO A 22 -18.90 -35.60 13.93
C PRO A 22 -18.80 -34.17 13.40
N ASP A 23 -19.19 -33.16 14.19
CA ASP A 23 -19.13 -31.78 13.68
C ASP A 23 -18.21 -30.84 14.47
N SER A 24 -17.79 -31.22 15.69
CA SER A 24 -16.93 -30.36 16.50
C SER A 24 -15.97 -31.16 17.37
N LEU A 25 -14.95 -30.48 17.89
CA LEU A 25 -13.95 -31.06 18.81
C LEU A 25 -14.17 -30.46 20.18
N THR A 26 -13.80 -31.18 21.23
CA THR A 26 -13.89 -30.69 22.60
C THR A 26 -12.47 -30.37 23.03
N ILE A 27 -12.23 -29.09 23.27
CA ILE A 27 -10.89 -28.64 23.66
C ILE A 27 -10.87 -28.29 25.14
N GLU A 28 -9.84 -28.78 25.81
CA GLU A 28 -9.52 -28.47 27.18
C GLU A 28 -8.35 -27.50 27.10
N PRO A 29 -8.52 -26.17 27.39
CA PRO A 29 -7.38 -25.24 27.27
C PRO A 29 -6.23 -25.64 28.19
N LEU A 30 -4.99 -25.26 27.83
CA LEU A 30 -3.82 -25.68 28.59
C LEU A 30 -3.75 -25.08 30.00
N ASN A 31 -3.53 -25.98 30.98
CA ASN A 31 -3.35 -25.76 32.42
C ASN A 31 -4.50 -24.88 33.02
N GLN A 32 -5.77 -25.23 32.69
CA GLN A 32 -6.95 -24.53 33.21
C GLN A 32 -7.51 -25.25 34.47
N LYS A 33 -7.88 -26.56 34.43
CA LYS A 33 -7.90 -27.51 33.32
C LYS A 33 -9.33 -28.01 33.06
N GLY A 34 -10.14 -28.07 34.12
CA GLY A 34 -11.54 -28.51 34.11
C GLY A 34 -12.45 -27.83 33.10
N LYS A 35 -12.08 -26.61 32.64
CA LYS A 35 -12.84 -25.83 31.65
C LYS A 35 -12.68 -26.45 30.24
N THR A 36 -13.79 -26.60 29.48
CA THR A 36 -13.75 -27.14 28.11
C THR A 36 -14.68 -26.36 27.20
N PHE A 37 -14.34 -26.30 25.92
CA PHE A 37 -15.16 -25.58 24.95
C PHE A 37 -15.22 -26.36 23.65
N LEU A 38 -16.22 -26.04 22.83
CA LEU A 38 -16.38 -26.72 21.55
C LEU A 38 -15.82 -25.86 20.46
N ALA A 39 -15.06 -26.48 19.53
CA ALA A 39 -14.50 -25.79 18.36
C ALA A 39 -14.73 -26.60 17.10
N LEU A 40 -14.97 -25.92 15.98
CA LEU A 40 -15.21 -26.56 14.70
C LEU A 40 -13.95 -27.28 14.23
N ILE A 41 -14.15 -28.35 13.45
CA ILE A 41 -13.12 -29.23 12.87
C ILE A 41 -12.04 -28.42 12.14
N ASN A 42 -12.47 -27.43 11.36
CA ASN A 42 -11.67 -26.59 10.51
C ASN A 42 -11.05 -25.39 11.25
N GLN A 43 -11.24 -25.29 12.59
CA GLN A 43 -10.73 -24.19 13.39
C GLN A 43 -9.67 -24.68 14.40
N VAL A 44 -9.42 -25.99 14.38
CA VAL A 44 -8.44 -26.67 15.22
C VAL A 44 -7.33 -27.14 14.29
N PHE A 45 -6.09 -26.83 14.68
CA PHE A 45 -4.91 -27.05 13.88
C PHE A 45 -3.84 -27.72 14.67
N PRO A 46 -2.98 -28.55 14.03
CA PRO A 46 -1.85 -29.14 14.79
C PRO A 46 -0.85 -28.05 15.14
N ALA A 47 -0.22 -28.17 16.29
CA ALA A 47 0.75 -27.22 16.82
C ALA A 47 2.13 -27.80 16.77
N GLU A 48 3.14 -26.93 16.66
CA GLU A 48 4.54 -27.33 16.71
C GLU A 48 4.85 -27.94 18.05
N GLU A 49 5.69 -28.98 18.03
CA GLU A 49 6.15 -29.71 19.21
C GLU A 49 6.88 -28.75 20.18
N ASP A 50 7.85 -27.98 19.65
CA ASP A 50 8.61 -26.98 20.39
C ASP A 50 7.95 -25.62 20.18
N SER A 51 7.26 -25.12 21.24
CA SER A 51 6.53 -23.84 21.24
C SER A 51 7.47 -22.66 21.55
N LYS A 52 8.70 -22.95 21.99
CA LYS A 52 9.68 -21.90 22.28
C LYS A 52 10.41 -21.44 21.00
N LYS A 53 10.77 -22.39 20.10
CA LYS A 53 11.52 -22.13 18.87
C LYS A 53 10.75 -21.31 17.82
N ASP A 54 11.49 -20.86 16.82
CA ASP A 54 10.97 -20.14 15.68
C ASP A 54 11.80 -20.52 14.46
N VAL A 55 11.17 -20.43 13.30
CA VAL A 55 11.83 -20.71 12.02
C VAL A 55 11.81 -19.41 11.22
N GLU A 56 12.91 -19.13 10.51
CA GLU A 56 13.04 -17.91 9.68
C GLU A 56 12.07 -17.95 8.51
N ASP A 57 11.77 -19.16 8.06
CA ASP A 57 10.85 -19.40 6.95
C ASP A 57 9.76 -20.33 7.46
N ASN A 58 8.51 -19.89 7.37
CA ASN A 58 7.35 -20.64 7.84
C ASN A 58 7.17 -21.99 7.13
N CYS A 59 7.77 -22.20 5.94
CA CYS A 59 7.77 -23.48 5.23
C CYS A 59 8.53 -24.56 6.00
N SER A 60 9.40 -24.16 6.96
CA SER A 60 10.21 -25.03 7.81
C SER A 60 9.39 -25.60 8.98
N LEU A 61 8.16 -25.11 9.16
CA LEU A 61 7.28 -25.61 10.23
C LEU A 61 6.89 -27.09 9.95
N MET A 62 6.66 -27.87 11.03
CA MET A 62 6.21 -29.27 10.88
C MET A 62 4.80 -29.27 10.30
N TYR A 63 3.98 -28.34 10.78
CA TYR A 63 2.62 -28.11 10.31
C TYR A 63 2.53 -26.69 9.87
N LEU A 64 2.26 -26.48 8.59
CA LEU A 64 2.15 -25.13 8.10
C LEU A 64 0.68 -24.82 7.96
N ASN A 65 0.17 -23.98 8.87
CA ASN A 65 -1.22 -23.57 8.91
C ASN A 65 -1.29 -22.17 9.57
N GLU A 66 -2.47 -21.53 9.52
CA GLU A 66 -2.66 -20.18 10.02
C GLU A 66 -2.33 -20.05 11.51
N ALA A 67 -2.60 -21.10 12.32
CA ALA A 67 -2.30 -21.06 13.75
C ALA A 67 -0.81 -21.22 14.04
N THR A 68 -0.10 -22.03 13.24
CA THR A 68 1.35 -22.23 13.45
C THR A 68 2.12 -21.02 12.91
N LEU A 69 1.66 -20.43 11.81
CA LEU A 69 2.24 -19.22 11.25
C LEU A 69 2.10 -18.06 12.26
N LEU A 70 0.89 -17.86 12.81
CA LEU A 70 0.57 -16.83 13.79
C LEU A 70 1.49 -16.93 15.02
N HIS A 71 1.68 -18.12 15.56
CA HIS A 71 2.55 -18.36 16.71
C HIS A 71 4.00 -18.03 16.36
N ASN A 72 4.50 -18.59 15.25
CA ASN A 72 5.87 -18.39 14.77
C ASN A 72 6.21 -16.92 14.67
N ILE A 73 5.37 -16.14 13.96
CA ILE A 73 5.62 -14.70 13.78
C ILE A 73 5.45 -13.94 15.14
N LYS A 74 4.62 -14.46 16.08
CA LYS A 74 4.42 -13.87 17.43
C LYS A 74 5.70 -13.97 18.27
N VAL A 75 6.28 -15.17 18.33
CA VAL A 75 7.52 -15.49 19.05
C VAL A 75 8.65 -14.65 18.48
N ARG A 76 8.71 -14.56 17.13
CA ARG A 76 9.76 -13.78 16.50
C ARG A 76 9.62 -12.31 16.86
N TYR A 77 8.38 -11.77 16.80
CA TYR A 77 8.09 -10.37 17.09
C TYR A 77 8.49 -10.01 18.52
N SER A 78 8.22 -10.89 19.49
CA SER A 78 8.58 -10.70 20.89
C SER A 78 10.13 -10.60 21.09
N LYS A 79 10.95 -11.04 20.09
CA LYS A 79 12.42 -11.03 20.08
C LYS A 79 12.97 -10.02 19.06
N ASP A 80 12.11 -9.05 18.68
CA ASP A 80 12.35 -7.96 17.75
C ASP A 80 12.81 -8.46 16.37
N ARG A 81 12.22 -9.59 15.94
CA ARG A 81 12.38 -10.19 14.61
C ARG A 81 11.06 -9.93 13.93
N ILE A 82 11.00 -8.82 13.21
CA ILE A 82 9.77 -8.33 12.60
C ILE A 82 9.55 -8.91 11.21
N TYR A 83 10.59 -9.54 10.65
CA TYR A 83 10.57 -10.13 9.31
C TYR A 83 10.64 -11.66 9.36
N THR A 84 9.72 -12.33 8.62
CA THR A 84 9.66 -13.79 8.48
C THR A 84 9.21 -14.14 7.07
N TYR A 85 9.79 -15.18 6.46
CA TYR A 85 9.35 -15.60 5.12
C TYR A 85 8.21 -16.62 5.14
N VAL A 86 7.52 -16.68 4.02
CA VAL A 86 6.51 -17.67 3.60
C VAL A 86 6.95 -17.97 2.18
N ALA A 87 7.98 -18.83 2.06
CA ALA A 87 8.67 -19.14 0.80
C ALA A 87 9.26 -17.80 0.27
N ASN A 88 8.80 -17.29 -0.88
CA ASN A 88 9.31 -16.04 -1.42
C ASN A 88 8.54 -14.80 -0.92
N ILE A 89 7.50 -15.00 -0.09
CA ILE A 89 6.70 -13.90 0.45
C ILE A 89 7.31 -13.46 1.79
N LEU A 90 7.33 -12.13 2.06
CA LEU A 90 7.85 -11.60 3.31
C LEU A 90 6.74 -11.04 4.19
N ILE A 91 6.66 -11.51 5.45
CA ILE A 91 5.75 -11.00 6.47
C ILE A 91 6.59 -10.05 7.32
N ALA A 92 6.15 -8.79 7.40
CA ALA A 92 6.77 -7.66 8.09
C ALA A 92 5.79 -7.14 9.11
N VAL A 93 6.07 -7.35 10.41
CA VAL A 93 5.17 -6.91 11.46
C VAL A 93 5.71 -5.59 11.98
N ASN A 94 4.88 -4.54 11.98
CA ASN A 94 5.31 -3.20 12.38
C ASN A 94 5.78 -3.19 13.85
N PRO A 95 7.08 -2.86 14.11
CA PRO A 95 7.55 -2.85 15.52
C PRO A 95 7.08 -1.63 16.31
N TYR A 96 6.75 -0.51 15.63
CA TYR A 96 6.30 0.75 16.25
C TYR A 96 7.41 1.41 17.14
N PHE A 97 8.69 1.13 16.84
CA PHE A 97 9.87 1.72 17.45
C PHE A 97 11.08 1.40 16.56
N ASP A 98 12.22 2.08 16.79
CA ASP A 98 13.40 1.88 15.97
C ASP A 98 14.25 0.74 16.51
N ILE A 99 14.33 -0.33 15.72
CA ILE A 99 15.14 -1.48 16.07
C ILE A 99 16.55 -1.11 15.66
N PRO A 100 17.47 -1.04 16.65
CA PRO A 100 18.82 -0.56 16.38
C PRO A 100 19.59 -1.29 15.30
N LYS A 101 20.24 -0.48 14.45
CA LYS A 101 21.17 -0.87 13.39
C LYS A 101 20.60 -1.81 12.30
N ILE A 102 19.32 -2.27 12.42
CA ILE A 102 18.82 -3.25 11.47
C ILE A 102 18.61 -2.67 10.05
N TYR A 103 18.75 -1.33 9.84
CA TYR A 103 18.68 -0.72 8.52
C TYR A 103 19.98 0.07 8.21
N SER A 104 21.04 -0.12 9.03
CA SER A 104 22.34 0.54 8.89
C SER A 104 23.03 0.21 7.54
N SER A 105 24.09 0.97 7.19
CA SER A 105 24.88 0.80 5.98
C SER A 105 25.60 -0.55 5.97
N GLU A 106 26.09 -0.98 7.16
CA GLU A 106 26.73 -2.27 7.39
C GLU A 106 25.74 -3.39 7.07
N THR A 107 24.48 -3.26 7.54
CA THR A 107 23.38 -4.20 7.31
C THR A 107 23.11 -4.29 5.80
N ILE A 108 22.94 -3.13 5.11
CA ILE A 108 22.78 -3.06 3.66
C ILE A 108 23.91 -3.88 3.00
N LYS A 109 25.18 -3.65 3.39
CA LYS A 109 26.35 -4.37 2.85
C LYS A 109 26.25 -5.90 3.01
N SER A 110 25.90 -6.39 4.23
CA SER A 110 25.78 -7.82 4.56
C SER A 110 24.70 -8.55 3.74
N TYR A 111 23.70 -7.83 3.23
CA TYR A 111 22.61 -8.43 2.45
C TYR A 111 22.87 -8.44 0.93
N GLN A 112 24.00 -7.85 0.48
CA GLN A 112 24.34 -7.71 -0.94
C GLN A 112 24.83 -9.00 -1.59
N GLY A 113 24.08 -9.45 -2.58
CA GLY A 113 24.35 -10.64 -3.38
C GLY A 113 24.12 -11.95 -2.66
N LYS A 114 23.32 -11.94 -1.59
CA LYS A 114 23.02 -13.13 -0.77
C LYS A 114 21.61 -13.64 -1.05
N SER A 115 21.50 -14.95 -1.36
CA SER A 115 20.26 -15.65 -1.69
C SER A 115 19.37 -15.79 -0.45
N LEU A 116 18.02 -15.92 -0.66
CA LEU A 116 17.07 -16.09 0.46
C LEU A 116 17.46 -17.30 1.30
N GLY A 117 17.52 -17.10 2.61
CA GLY A 117 17.91 -18.16 3.55
C GLY A 117 19.36 -18.11 3.96
N THR A 118 20.23 -17.40 3.19
CA THR A 118 21.66 -17.25 3.50
C THR A 118 21.81 -16.28 4.69
N MET A 119 20.93 -15.29 4.72
CA MET A 119 20.85 -14.22 5.70
C MET A 119 19.51 -14.26 6.43
N PRO A 120 19.35 -13.64 7.63
CA PRO A 120 18.03 -13.63 8.29
C PRO A 120 16.96 -12.97 7.41
N PRO A 121 15.65 -13.23 7.65
CA PRO A 121 14.64 -12.54 6.82
C PRO A 121 14.78 -11.03 6.98
N HIS A 122 14.69 -10.31 5.85
CA HIS A 122 14.82 -8.86 5.80
C HIS A 122 14.28 -8.33 4.54
N VAL A 123 13.76 -7.09 4.59
CA VAL A 123 13.23 -6.32 3.46
C VAL A 123 14.37 -6.12 2.42
N PHE A 124 15.65 -6.07 2.88
CA PHE A 124 16.84 -5.94 2.05
C PHE A 124 17.09 -7.20 1.18
N ALA A 125 16.70 -8.40 1.68
CA ALA A 125 16.88 -9.65 0.94
C ALA A 125 15.91 -9.71 -0.23
N ILE A 126 14.64 -9.29 0.00
CA ILE A 126 13.58 -9.22 -1.02
C ILE A 126 14.02 -8.25 -2.14
N ALA A 127 14.65 -7.11 -1.76
CA ALA A 127 15.16 -6.08 -2.68
C ALA A 127 16.32 -6.62 -3.48
N ASP A 128 17.22 -7.41 -2.85
CA ASP A 128 18.38 -8.00 -3.51
C ASP A 128 17.98 -9.10 -4.48
N LYS A 129 16.96 -9.92 -4.11
CA LYS A 129 16.48 -11.01 -4.97
C LYS A 129 15.90 -10.39 -6.24
N ALA A 130 15.19 -9.25 -6.09
CA ALA A 130 14.62 -8.47 -7.19
C ALA A 130 15.73 -7.98 -8.12
N PHE A 131 16.80 -7.35 -7.57
CA PHE A 131 17.94 -6.90 -8.37
C PHE A 131 18.66 -8.07 -9.06
N ARG A 132 18.85 -9.18 -8.35
CA ARG A 132 19.55 -10.34 -8.90
C ARG A 132 18.73 -11.02 -10.01
N ASP A 133 17.39 -11.20 -9.82
CA ASP A 133 16.52 -11.82 -10.83
C ASP A 133 16.47 -10.95 -12.07
N MET A 134 16.46 -9.61 -11.88
CA MET A 134 16.45 -8.62 -12.95
C MET A 134 17.71 -8.73 -13.81
N LYS A 135 18.88 -8.88 -13.15
CA LYS A 135 20.19 -8.96 -13.77
C LYS A 135 20.37 -10.27 -14.54
N VAL A 136 19.92 -11.41 -13.97
CA VAL A 136 20.09 -12.75 -14.53
C VAL A 136 19.01 -13.03 -15.59
N LEU A 137 17.70 -12.90 -15.25
CA LEU A 137 16.61 -13.19 -16.18
C LEU A 137 16.34 -12.06 -17.22
N LYS A 138 17.09 -10.92 -17.13
CA LYS A 138 17.00 -9.74 -18.01
C LYS A 138 15.52 -9.26 -18.17
N LEU A 139 14.77 -9.29 -17.06
CA LEU A 139 13.35 -8.95 -16.98
C LEU A 139 13.10 -8.01 -15.79
N SER A 140 12.31 -6.93 -16.01
CA SER A 140 11.97 -5.95 -14.98
C SER A 140 11.27 -6.61 -13.80
N GLN A 141 11.35 -5.95 -12.66
CA GLN A 141 10.81 -6.52 -11.44
C GLN A 141 9.94 -5.53 -10.72
N SER A 142 9.01 -6.07 -9.93
CA SER A 142 8.15 -5.24 -9.09
C SER A 142 8.05 -5.87 -7.70
N ILE A 143 8.05 -5.01 -6.68
CA ILE A 143 7.92 -5.37 -5.28
C ILE A 143 6.61 -4.71 -4.78
N ILE A 144 5.60 -5.52 -4.41
CA ILE A 144 4.30 -5.01 -3.95
C ILE A 144 4.30 -5.11 -2.43
N VAL A 145 4.25 -3.94 -1.78
CA VAL A 145 4.29 -3.79 -0.33
C VAL A 145 2.86 -3.47 0.12
N SER A 146 2.15 -4.46 0.66
CA SER A 146 0.75 -4.25 0.98
C SER A 146 0.48 -4.38 2.47
N GLY A 147 -0.70 -3.90 2.85
CA GLY A 147 -1.14 -3.90 4.22
C GLY A 147 -2.05 -2.73 4.52
N GLU A 148 -2.69 -2.82 5.69
CA GLU A 148 -3.61 -1.84 6.24
C GLU A 148 -2.92 -0.53 6.47
N SER A 149 -3.70 0.51 6.77
CA SER A 149 -3.12 1.79 7.17
C SER A 149 -2.38 1.60 8.53
N GLY A 150 -1.12 2.03 8.59
CA GLY A 150 -0.31 1.90 9.79
C GLY A 150 0.54 0.63 9.79
N ALA A 151 0.39 -0.23 8.74
CA ALA A 151 1.11 -1.52 8.71
C ALA A 151 2.63 -1.38 8.49
N GLY A 152 3.08 -0.33 7.80
CA GLY A 152 4.50 -0.12 7.52
C GLY A 152 4.88 -0.19 6.05
N LYS A 153 3.87 -0.03 5.13
CA LYS A 153 4.11 -0.10 3.69
C LYS A 153 5.06 0.97 3.26
N THR A 154 4.79 2.22 3.64
CA THR A 154 5.59 3.42 3.32
C THR A 154 7.03 3.26 3.86
N GLU A 155 7.19 2.87 5.15
CA GLU A 155 8.52 2.68 5.74
C GLU A 155 9.32 1.58 5.00
N ASN A 156 8.68 0.44 4.72
CA ASN A 156 9.36 -0.65 4.01
C ASN A 156 9.67 -0.31 2.56
N THR A 157 8.85 0.55 1.90
CA THR A 157 9.10 1.04 0.53
C THR A 157 10.42 1.84 0.57
N LYS A 158 10.56 2.74 1.56
CA LYS A 158 11.76 3.54 1.80
C LYS A 158 13.00 2.66 1.99
N PHE A 159 12.86 1.55 2.75
CA PHE A 159 13.99 0.64 3.01
C PHE A 159 14.44 -0.01 1.72
N VAL A 160 13.47 -0.43 0.89
CA VAL A 160 13.72 -1.01 -0.44
C VAL A 160 14.48 -0.03 -1.30
N LEU A 161 13.95 1.19 -1.44
CA LEU A 161 14.57 2.22 -2.28
C LEU A 161 15.98 2.57 -1.80
N ARG A 162 16.14 2.84 -0.49
CA ARG A 162 17.42 3.19 0.14
C ARG A 162 18.44 2.06 -0.03
N TYR A 163 18.00 0.79 0.15
CA TYR A 163 18.86 -0.35 -0.06
C TYR A 163 19.38 -0.41 -1.51
N LEU A 164 18.46 -0.36 -2.50
CA LEU A 164 18.76 -0.44 -3.94
C LEU A 164 19.63 0.71 -4.44
N THR A 165 19.40 1.96 -3.99
CA THR A 165 20.23 3.10 -4.44
C THR A 165 21.61 3.05 -3.79
N GLU A 166 21.69 2.70 -2.48
CA GLU A 166 22.96 2.63 -1.75
C GLU A 166 23.80 1.41 -2.15
N SER A 167 23.16 0.37 -2.71
CA SER A 167 23.85 -0.85 -3.11
C SER A 167 24.20 -0.91 -4.60
N TYR A 168 23.31 -0.45 -5.49
CA TYR A 168 23.55 -0.57 -6.93
C TYR A 168 23.54 0.79 -7.65
N GLY A 169 23.87 1.85 -6.91
CA GLY A 169 23.98 3.20 -7.43
C GLY A 169 25.36 3.45 -8.01
N THR A 170 25.57 4.65 -8.57
CA THR A 170 26.84 5.05 -9.21
C THR A 170 27.86 5.53 -8.16
N GLY A 171 27.37 5.90 -6.97
CA GLY A 171 28.20 6.39 -5.87
C GLY A 171 28.02 7.87 -5.65
N GLN A 172 27.85 8.63 -6.76
CA GLN A 172 27.63 10.08 -6.76
C GLN A 172 26.29 10.41 -6.10
N ASP A 173 26.19 11.60 -5.49
CA ASP A 173 25.02 12.12 -4.75
C ASP A 173 23.70 12.11 -5.55
N ILE A 174 23.73 11.76 -6.86
CA ILE A 174 22.54 11.66 -7.71
C ILE A 174 21.63 10.49 -7.26
N ASP A 175 22.23 9.45 -6.60
CA ASP A 175 21.54 8.25 -6.07
C ASP A 175 20.72 8.60 -4.83
N ASP A 176 21.16 9.65 -4.08
CA ASP A 176 20.49 10.13 -2.88
C ASP A 176 19.13 10.76 -3.18
N ARG A 177 18.93 11.33 -4.38
CA ARG A 177 17.71 12.05 -4.81
C ARG A 177 16.44 11.20 -4.82
N ILE A 178 16.53 9.91 -5.21
CA ILE A 178 15.38 8.99 -5.21
C ILE A 178 14.89 8.83 -3.73
N VAL A 179 15.86 8.82 -2.78
CA VAL A 179 15.61 8.71 -1.33
C VAL A 179 15.16 10.07 -0.79
N GLU A 180 15.94 11.13 -1.07
CA GLU A 180 15.72 12.51 -0.60
C GLU A 180 14.42 13.15 -1.12
N ALA A 181 13.73 12.53 -2.08
CA ALA A 181 12.48 13.08 -2.62
C ALA A 181 11.27 12.70 -1.78
N ASN A 182 11.36 11.60 -1.01
CA ASN A 182 10.28 11.11 -0.13
C ASN A 182 9.81 12.17 0.89
N PRO A 183 10.66 12.91 1.65
CA PRO A 183 10.12 13.90 2.59
C PRO A 183 9.26 14.95 1.92
N LEU A 184 9.54 15.20 0.62
CA LEU A 184 8.83 16.18 -0.17
C LEU A 184 7.43 15.67 -0.54
N LEU A 185 7.30 14.44 -1.07
CA LEU A 185 5.99 13.87 -1.40
C LEU A 185 5.11 13.69 -0.15
N GLU A 186 5.75 13.32 0.97
CA GLU A 186 5.11 13.13 2.29
C GLU A 186 4.65 14.45 2.89
N ALA A 187 5.39 15.55 2.69
CA ALA A 187 4.92 16.83 3.20
C ALA A 187 3.54 17.22 2.56
N PHE A 188 3.36 16.92 1.26
CA PHE A 188 2.18 17.30 0.49
C PHE A 188 1.10 16.24 0.34
N GLY A 189 1.44 14.95 0.51
CA GLY A 189 0.50 13.85 0.33
C GLY A 189 0.19 13.00 1.55
N ASN A 190 0.87 13.25 2.68
CA ASN A 190 0.65 12.54 3.93
C ASN A 190 -0.04 13.42 4.96
N ALA A 191 -0.84 12.78 5.82
CA ALA A 191 -1.56 13.49 6.86
C ALA A 191 -1.82 12.61 8.06
N LYS A 192 -2.03 13.24 9.23
CA LYS A 192 -2.44 12.53 10.44
C LYS A 192 -3.89 12.03 10.33
N THR A 193 -4.07 10.69 10.32
CA THR A 193 -5.37 10.03 10.39
C THR A 193 -5.43 9.33 11.75
N VAL A 194 -6.61 8.84 12.19
CA VAL A 194 -6.71 8.14 13.49
C VAL A 194 -5.87 6.85 13.52
N ARG A 195 -5.68 6.16 12.36
CA ARG A 195 -4.92 4.89 12.28
C ARG A 195 -3.42 5.07 11.98
N ASN A 196 -2.99 6.24 11.52
CA ASN A 196 -1.58 6.47 11.20
C ASN A 196 -1.26 7.96 11.22
N ASN A 197 -0.27 8.34 12.03
CA ASN A 197 0.15 9.73 12.19
C ASN A 197 0.74 10.26 10.92
N ASN A 198 1.37 9.38 10.14
CA ASN A 198 1.99 9.71 8.86
C ASN A 198 1.27 9.00 7.69
N SER A 199 -0.07 9.04 7.67
CA SER A 199 -0.80 8.30 6.66
C SER A 199 -0.62 8.87 5.27
N SER A 200 -0.34 7.99 4.29
CA SER A 200 -0.26 8.34 2.86
C SER A 200 -1.67 8.49 2.32
N ARG A 201 -2.00 9.67 1.84
CA ARG A 201 -3.33 9.94 1.29
C ARG A 201 -3.30 9.87 -0.25
N PHE A 202 -2.27 9.19 -0.79
CA PHE A 202 -2.09 8.88 -2.21
C PHE A 202 -1.33 7.56 -2.34
N GLY A 203 -1.52 6.86 -3.43
CA GLY A 203 -0.77 5.63 -3.67
C GLY A 203 0.36 5.92 -4.62
N LYS A 204 1.45 5.15 -4.55
CA LYS A 204 2.53 5.43 -5.52
C LYS A 204 3.21 4.17 -6.03
N PHE A 205 3.77 4.28 -7.25
CA PHE A 205 4.59 3.24 -7.86
C PHE A 205 5.94 3.89 -8.13
N VAL A 206 6.99 3.51 -7.39
CA VAL A 206 8.30 4.14 -7.59
C VAL A 206 9.18 3.18 -8.31
N GLU A 207 9.54 3.57 -9.54
CA GLU A 207 10.42 2.77 -10.38
C GLU A 207 11.86 3.24 -10.33
N ILE A 208 12.81 2.31 -10.15
CA ILE A 208 14.24 2.60 -10.22
C ILE A 208 14.69 1.96 -11.52
N HIS A 209 15.18 2.76 -12.47
CA HIS A 209 15.58 2.28 -13.78
C HIS A 209 17.08 2.06 -13.82
N PHE A 210 17.50 1.04 -14.62
CA PHE A 210 18.88 0.60 -14.78
C PHE A 210 19.25 0.47 -16.27
N ASN A 211 20.57 0.41 -16.56
CA ASN A 211 21.09 0.22 -17.93
C ASN A 211 21.32 -1.30 -18.16
N GLU A 212 22.10 -1.67 -19.19
CA GLU A 212 22.39 -3.07 -19.47
C GLU A 212 23.35 -3.63 -18.40
N LYS A 213 24.22 -2.76 -17.85
CA LYS A 213 25.23 -3.04 -16.83
C LYS A 213 24.62 -3.19 -15.43
N SER A 214 23.27 -3.06 -15.33
CA SER A 214 22.45 -3.14 -14.12
C SER A 214 22.95 -2.16 -13.04
N SER A 215 22.94 -0.87 -13.39
CA SER A 215 23.33 0.25 -12.54
C SER A 215 22.31 1.37 -12.75
N VAL A 216 21.84 1.97 -11.65
CA VAL A 216 20.80 3.01 -11.61
C VAL A 216 21.11 4.13 -12.61
N VAL A 217 20.10 4.47 -13.45
CA VAL A 217 20.17 5.54 -14.46
C VAL A 217 19.18 6.68 -14.07
N GLY A 218 18.29 6.36 -13.14
CA GLY A 218 17.28 7.28 -12.63
C GLY A 218 16.05 6.56 -12.15
N GLY A 219 14.98 7.33 -11.91
CA GLY A 219 13.72 6.81 -11.43
C GLY A 219 12.49 7.54 -11.95
N PHE A 220 11.30 7.01 -11.63
CA PHE A 220 10.02 7.57 -12.03
C PHE A 220 8.92 7.21 -11.02
N VAL A 221 8.15 8.22 -10.58
CA VAL A 221 7.05 8.13 -9.61
C VAL A 221 5.69 8.35 -10.29
N SER A 222 4.80 7.35 -10.17
CA SER A 222 3.41 7.41 -10.60
C SER A 222 2.59 7.56 -9.31
N HIS A 223 1.78 8.61 -9.24
CA HIS A 223 0.97 8.87 -8.06
C HIS A 223 -0.48 8.59 -8.42
N TYR A 224 -1.28 8.21 -7.40
CA TYR A 224 -2.66 7.84 -7.59
C TYR A 224 -3.55 8.39 -6.52
N LEU A 225 -4.73 8.85 -6.92
CA LEU A 225 -5.81 9.27 -6.04
C LEU A 225 -5.41 10.07 -4.81
N LEU A 226 -4.86 11.25 -4.97
CA LEU A 226 -4.65 12.13 -3.82
C LEU A 226 -6.04 12.43 -3.21
N GLU A 227 -6.19 12.28 -1.89
CA GLU A 227 -7.47 12.53 -1.22
C GLU A 227 -7.78 14.04 -1.17
N LYS A 228 -8.85 14.43 -1.79
CA LYS A 228 -9.23 15.83 -1.92
C LYS A 228 -10.09 16.33 -0.78
N SER A 229 -10.95 15.46 -0.21
CA SER A 229 -11.85 15.83 0.89
C SER A 229 -11.08 16.34 2.11
N ARG A 230 -9.88 15.80 2.34
CA ARG A 230 -8.95 16.20 3.41
C ARG A 230 -8.49 17.67 3.34
N ILE A 231 -8.48 18.28 2.14
CA ILE A 231 -7.94 19.61 1.93
C ILE A 231 -8.79 20.68 2.68
N CYS A 232 -10.09 20.48 2.79
CA CYS A 232 -10.96 21.51 3.37
C CYS A 232 -11.45 21.21 4.80
N VAL A 233 -11.75 19.95 5.10
CA VAL A 233 -12.26 19.61 6.42
C VAL A 233 -11.71 18.27 6.85
N GLN A 234 -11.42 18.12 8.15
CA GLN A 234 -10.94 16.88 8.77
C GLN A 234 -11.72 16.64 10.05
N GLY A 235 -11.69 15.40 10.55
CA GLY A 235 -12.26 15.04 11.84
C GLY A 235 -11.38 15.62 12.91
N LYS A 236 -11.90 15.81 14.16
CA LYS A 236 -11.17 16.46 15.25
C LYS A 236 -9.84 15.74 15.70
N GLU A 237 -9.62 14.46 15.33
CA GLU A 237 -8.37 13.78 15.70
C GLU A 237 -7.45 13.60 14.49
N GLU A 238 -7.84 14.23 13.38
CA GLU A 238 -7.13 14.14 12.12
C GLU A 238 -6.60 15.49 11.71
N ARG A 239 -5.66 15.50 10.78
CA ARG A 239 -5.13 16.77 10.31
C ARG A 239 -5.17 16.84 8.82
N ASN A 240 -4.92 18.05 8.27
CA ASN A 240 -4.77 18.24 6.81
C ASN A 240 -3.38 17.71 6.43
N TYR A 241 -2.95 17.95 5.21
CA TYR A 241 -1.61 17.58 4.76
C TYR A 241 -0.50 18.21 5.67
N HIS A 242 0.59 17.43 5.90
CA HIS A 242 1.69 17.80 6.81
C HIS A 242 2.24 19.20 6.54
N ILE A 243 2.39 19.59 5.25
CA ILE A 243 2.94 20.86 4.79
C ILE A 243 2.30 22.05 5.50
N PHE A 244 0.97 22.01 5.74
CA PHE A 244 0.29 23.13 6.42
C PHE A 244 0.82 23.37 7.81
N TYR A 245 1.16 22.30 8.54
CA TYR A 245 1.62 22.37 9.91
C TYR A 245 3.12 22.60 9.97
N ARG A 246 3.88 22.01 9.04
CA ARG A 246 5.33 22.21 8.94
C ARG A 246 5.63 23.67 8.66
N LEU A 247 4.80 24.31 7.81
CA LEU A 247 4.92 25.71 7.43
C LEU A 247 4.52 26.62 8.58
N CYS A 248 3.37 26.37 9.24
CA CYS A 248 2.96 27.22 10.38
C CYS A 248 3.96 27.08 11.56
N ALA A 249 4.49 25.87 11.80
CA ALA A 249 5.44 25.66 12.89
C ALA A 249 6.87 26.12 12.58
N GLY A 250 7.34 25.95 11.33
CA GLY A 250 8.73 26.19 10.94
C GLY A 250 9.11 27.44 10.17
N ALA A 251 8.19 27.98 9.33
CA ALA A 251 8.49 29.16 8.51
C ALA A 251 9.07 30.29 9.36
N SER A 252 10.06 31.00 8.81
CA SER A 252 10.69 32.15 9.44
C SER A 252 9.63 33.27 9.63
N GLU A 253 9.86 34.22 10.55
CA GLU A 253 8.93 35.34 10.74
C GLU A 253 8.77 36.17 9.44
N ASP A 254 9.78 36.09 8.54
CA ASP A 254 9.74 36.77 7.25
C ASP A 254 8.76 36.04 6.32
N ILE A 255 8.85 34.69 6.28
CA ILE A 255 7.98 33.88 5.43
C ILE A 255 6.52 33.97 5.98
N ARG A 256 6.36 33.95 7.32
CA ARG A 256 5.08 34.04 8.03
C ARG A 256 4.31 35.32 7.64
N GLU A 257 4.98 36.49 7.71
CA GLU A 257 4.42 37.81 7.41
C GLU A 257 4.08 37.96 5.93
N ARG A 258 5.01 37.55 5.05
CA ARG A 258 4.87 37.61 3.59
C ARG A 258 3.67 36.74 3.13
N LEU A 259 3.50 35.53 3.71
CA LEU A 259 2.41 34.61 3.37
C LEU A 259 1.16 34.80 4.26
N HIS A 260 1.21 35.76 5.21
CA HIS A 260 0.14 36.13 6.15
C HIS A 260 -0.36 34.89 6.94
N LEU A 261 0.58 34.05 7.37
CA LEU A 261 0.28 32.86 8.16
C LEU A 261 0.15 33.22 9.64
N SER A 262 -0.47 32.32 10.44
CA SER A 262 -0.64 32.44 11.88
C SER A 262 -0.83 31.04 12.45
N SER A 263 -1.39 30.91 13.67
CA SER A 263 -1.61 29.60 14.25
C SER A 263 -2.75 28.87 13.48
N PRO A 264 -2.69 27.52 13.40
CA PRO A 264 -3.67 26.77 12.58
C PRO A 264 -5.17 27.01 12.87
N ASP A 265 -5.53 27.37 14.10
CA ASP A 265 -6.90 27.65 14.51
C ASP A 265 -7.51 28.86 13.76
N ASN A 266 -6.66 29.70 13.07
CA ASN A 266 -7.13 30.85 12.31
C ASN A 266 -7.53 30.49 10.88
N PHE A 267 -7.47 29.18 10.53
CA PHE A 267 -7.82 28.76 9.17
C PHE A 267 -8.89 27.70 9.18
N ARG A 268 -10.02 27.99 8.48
CA ARG A 268 -11.12 27.04 8.35
C ARG A 268 -10.66 25.69 7.79
N TYR A 269 -9.67 25.69 6.90
CA TYR A 269 -9.17 24.47 6.27
C TYR A 269 -8.33 23.63 7.24
N LEU A 270 -8.12 24.12 8.46
CA LEU A 270 -7.38 23.38 9.48
C LEU A 270 -8.10 23.30 10.80
N ASN A 271 -8.94 24.28 11.16
CA ASN A 271 -9.47 24.36 12.53
C ASN A 271 -10.65 23.41 12.84
N ARG A 272 -11.09 22.55 11.90
CA ARG A 272 -12.11 21.53 12.26
C ARG A 272 -11.39 20.26 12.68
N GLY A 273 -10.14 20.13 12.22
CA GLY A 273 -9.25 19.04 12.58
C GLY A 273 -8.45 19.37 13.83
N CYS A 274 -7.48 18.52 14.14
CA CYS A 274 -6.54 18.67 15.25
C CYS A 274 -5.52 19.79 14.91
N THR A 275 -5.45 20.84 15.71
CA THR A 275 -4.57 21.97 15.41
C THR A 275 -3.23 21.90 16.18
N ARG A 276 -2.95 20.76 16.79
CA ARG A 276 -1.71 20.53 17.56
C ARG A 276 -0.59 20.08 16.65
N TYR A 277 0.65 20.42 17.02
CA TYR A 277 1.86 20.03 16.28
C TYR A 277 2.50 18.82 16.89
N PHE A 278 3.25 18.08 16.08
CA PHE A 278 4.10 17.01 16.57
C PHE A 278 5.39 17.68 17.03
N ALA A 279 5.65 17.62 18.33
CA ALA A 279 6.83 18.21 18.99
C ALA A 279 7.18 17.43 20.23
N ASN A 280 8.40 17.62 20.71
CA ASN A 280 8.91 17.10 21.97
C ASN A 280 9.26 18.33 22.82
N LYS A 281 9.80 18.12 24.05
CA LYS A 281 10.18 19.19 24.97
C LYS A 281 11.14 20.19 24.30
N GLU A 282 12.09 19.66 23.51
CA GLU A 282 13.10 20.43 22.78
C GLU A 282 12.51 21.23 21.61
N THR A 283 11.72 20.59 20.73
CA THR A 283 11.21 21.27 19.53
C THR A 283 10.07 22.28 19.84
N ASP A 284 9.30 22.05 20.92
CA ASP A 284 8.24 22.95 21.39
C ASP A 284 8.82 24.33 21.67
N LYS A 285 10.04 24.38 22.28
CA LYS A 285 10.79 25.59 22.58
C LYS A 285 11.13 26.38 21.28
N GLN A 286 11.36 25.67 20.15
CA GLN A 286 11.71 26.26 18.86
C GLN A 286 10.49 26.89 18.14
N ILE A 287 9.26 26.53 18.54
CA ILE A 287 8.03 27.06 17.93
C ILE A 287 7.58 28.36 18.67
N LEU A 288 7.50 29.48 17.95
CA LEU A 288 7.05 30.78 18.47
C LEU A 288 5.58 30.73 18.94
N GLN A 289 5.29 31.46 20.04
CA GLN A 289 3.97 31.58 20.67
C GLN A 289 2.85 31.95 19.65
N ASN A 290 3.18 32.80 18.66
CA ASN A 290 2.23 33.25 17.64
C ASN A 290 1.87 32.10 16.65
N ARG A 291 2.55 30.92 16.76
CA ARG A 291 2.28 29.75 15.90
C ARG A 291 1.41 28.73 16.59
N LYS A 292 1.35 28.79 17.92
CA LYS A 292 0.63 27.79 18.72
C LYS A 292 -0.84 28.11 18.90
N SER A 293 -1.71 27.14 18.55
CA SER A 293 -3.16 27.24 18.70
C SER A 293 -3.57 27.16 20.18
N PRO A 294 -4.77 27.64 20.59
CA PRO A 294 -5.19 27.46 22.00
C PRO A 294 -5.25 25.96 22.39
N GLU A 295 -5.69 25.06 21.47
CA GLU A 295 -5.70 23.60 21.68
C GLU A 295 -4.28 23.09 22.02
N TYR A 296 -3.23 23.59 21.33
CA TYR A 296 -1.84 23.20 21.57
C TYR A 296 -1.38 23.66 22.95
N LEU A 297 -1.76 24.87 23.36
CA LEU A 297 -1.41 25.46 24.67
C LEU A 297 -2.10 24.71 25.79
N LYS A 298 -3.37 24.34 25.59
CA LYS A 298 -4.15 23.57 26.56
C LYS A 298 -3.70 22.08 26.66
N ALA A 299 -3.62 21.35 25.52
CA ALA A 299 -3.34 19.90 25.49
C ALA A 299 -1.86 19.51 25.28
N GLY A 300 -1.05 20.45 24.81
CA GLY A 300 0.36 20.21 24.53
C GLY A 300 0.56 19.62 23.16
N SER A 301 1.77 19.10 22.93
CA SER A 301 2.08 18.53 21.62
C SER A 301 1.53 17.15 21.44
N LEU A 302 1.52 16.74 20.16
CA LEU A 302 1.21 15.40 19.70
C LEU A 302 2.53 14.63 19.75
N LYS A 303 2.48 13.36 20.09
CA LYS A 303 3.69 12.58 20.19
C LYS A 303 3.78 11.56 19.09
N ASP A 304 4.99 11.45 18.53
CA ASP A 304 5.35 10.45 17.54
C ASP A 304 6.87 10.18 17.60
N PRO A 305 7.33 8.92 17.32
CA PRO A 305 8.79 8.67 17.29
C PRO A 305 9.55 9.47 16.20
N LEU A 306 8.94 9.72 15.01
CA LEU A 306 9.61 10.43 13.89
C LEU A 306 9.05 11.82 13.57
N LEU A 307 7.72 11.95 13.34
CA LEU A 307 7.14 13.26 12.98
C LEU A 307 7.42 14.32 14.02
N ASP A 308 7.88 15.46 13.53
CA ASP A 308 8.13 16.70 14.24
C ASP A 308 7.89 17.80 13.27
N ASP A 309 6.80 18.56 13.44
CA ASP A 309 6.43 19.57 12.46
C ASP A 309 7.50 20.65 12.25
N HIS A 310 8.19 21.06 13.32
CA HIS A 310 9.26 22.05 13.23
C HIS A 310 10.49 21.46 12.51
N GLY A 311 10.98 20.31 13.00
CA GLY A 311 12.14 19.63 12.44
C GLY A 311 11.95 19.15 11.03
N ASP A 312 10.74 18.69 10.70
CA ASP A 312 10.37 18.19 9.39
C ASP A 312 10.41 19.29 8.36
N PHE A 313 10.06 20.55 8.76
CA PHE A 313 10.13 21.71 7.89
C PHE A 313 11.58 21.99 7.52
N ILE A 314 12.52 21.83 8.49
CA ILE A 314 13.96 22.03 8.29
C ILE A 314 14.48 20.91 7.35
N ARG A 315 14.08 19.65 7.61
CA ARG A 315 14.48 18.49 6.79
C ARG A 315 13.92 18.57 5.37
N MET A 316 12.72 19.15 5.23
CA MET A 316 12.06 19.31 3.93
C MET A 316 12.84 20.33 3.10
N CYS A 317 13.27 21.44 3.73
CA CYS A 317 14.06 22.50 3.10
C CYS A 317 15.40 21.94 2.62
N THR A 318 16.03 21.08 3.45
CA THR A 318 17.27 20.36 3.18
C THR A 318 17.02 19.44 1.98
N ALA A 319 15.96 18.60 2.03
CA ALA A 319 15.55 17.71 0.94
C ALA A 319 15.39 18.49 -0.37
N MET A 320 14.72 19.66 -0.34
CA MET A 320 14.49 20.53 -1.48
C MET A 320 15.84 20.99 -2.07
N LYS A 321 16.76 21.51 -1.22
CA LYS A 321 18.11 21.93 -1.64
C LYS A 321 18.87 20.76 -2.27
N LYS A 322 18.93 19.61 -1.57
CA LYS A 322 19.60 18.38 -1.98
C LYS A 322 19.10 17.83 -3.34
N ILE A 323 17.81 18.02 -3.70
CA ILE A 323 17.31 17.49 -4.99
C ILE A 323 17.39 18.56 -6.12
N GLY A 324 17.87 19.77 -5.81
CA GLY A 324 18.02 20.82 -6.80
C GLY A 324 16.87 21.80 -6.94
N LEU A 325 15.97 21.83 -5.93
CA LEU A 325 14.83 22.73 -5.94
C LEU A 325 15.26 24.10 -5.37
N ASP A 326 15.40 25.14 -6.23
CA ASP A 326 15.85 26.48 -5.79
C ASP A 326 14.84 27.18 -4.83
N ASP A 327 15.31 28.25 -4.15
CA ASP A 327 14.56 29.03 -3.15
C ASP A 327 13.30 29.68 -3.71
N GLU A 328 13.37 30.07 -4.98
CA GLU A 328 12.27 30.69 -5.70
C GLU A 328 11.10 29.69 -5.86
N GLU A 329 11.40 28.45 -6.26
CA GLU A 329 10.40 27.41 -6.43
C GLU A 329 9.86 26.97 -5.06
N LYS A 330 10.73 26.95 -4.02
CA LYS A 330 10.38 26.65 -2.62
C LYS A 330 9.26 27.61 -2.16
N LEU A 331 9.48 28.93 -2.31
CA LEU A 331 8.54 29.96 -1.92
C LEU A 331 7.28 29.93 -2.78
N ASP A 332 7.39 29.55 -4.06
CA ASP A 332 6.25 29.40 -4.98
C ASP A 332 5.29 28.33 -4.46
N LEU A 333 5.83 27.18 -3.99
CA LEU A 333 5.07 26.09 -3.38
C LEU A 333 4.35 26.60 -2.15
N PHE A 334 5.07 27.34 -1.28
CA PHE A 334 4.55 27.84 0.01
C PHE A 334 3.44 28.85 -0.19
N ARG A 335 3.61 29.68 -1.23
CA ARG A 335 2.71 30.75 -1.65
C ARG A 335 1.35 30.14 -2.04
N VAL A 336 1.35 29.05 -2.83
CA VAL A 336 0.15 28.35 -3.26
C VAL A 336 -0.50 27.69 -2.04
N VAL A 337 0.30 27.12 -1.13
CA VAL A 337 -0.18 26.47 0.09
C VAL A 337 -0.96 27.52 0.92
N ALA A 338 -0.33 28.67 1.19
CA ALA A 338 -0.95 29.77 1.94
C ALA A 338 -2.15 30.38 1.16
N GLY A 339 -2.07 30.40 -0.17
CA GLY A 339 -3.14 30.85 -1.06
C GLY A 339 -4.40 30.01 -0.83
N VAL A 340 -4.24 28.67 -0.60
CA VAL A 340 -5.34 27.74 -0.33
C VAL A 340 -5.93 28.03 1.06
N LEU A 341 -5.06 28.24 2.06
CA LEU A 341 -5.44 28.53 3.43
C LEU A 341 -6.35 29.76 3.51
N HIS A 342 -5.95 30.86 2.87
CA HIS A 342 -6.65 32.13 2.84
C HIS A 342 -7.97 32.04 2.08
N LEU A 343 -8.00 31.32 0.95
CA LEU A 343 -9.23 31.01 0.18
C LEU A 343 -10.30 30.42 1.12
N GLY A 344 -9.87 29.51 1.98
CA GLY A 344 -10.74 28.83 2.94
C GLY A 344 -11.41 29.72 3.94
N ASN A 345 -10.82 30.90 4.21
CA ASN A 345 -11.32 31.86 5.19
C ASN A 345 -12.36 32.81 4.63
N ILE A 346 -12.71 32.64 3.35
CA ILE A 346 -13.71 33.48 2.71
C ILE A 346 -15.08 32.96 3.11
N ASP A 347 -15.92 33.85 3.67
CA ASP A 347 -17.30 33.57 4.09
C ASP A 347 -18.30 34.32 3.24
N PHE A 348 -19.49 33.71 3.10
CA PHE A 348 -20.58 34.27 2.30
C PHE A 348 -21.83 34.46 3.20
N GLU A 349 -22.72 35.39 2.79
CA GLU A 349 -23.95 35.70 3.52
C GLU A 349 -25.07 36.03 2.50
N GLU A 350 -26.34 35.62 2.79
CA GLU A 350 -27.51 35.85 1.92
C GLU A 350 -27.74 37.33 1.64
N ALA A 351 -27.91 37.68 0.34
CA ALA A 351 -28.11 39.04 -0.16
C ALA A 351 -29.56 39.52 0.01
N GLY A 357 -29.22 34.41 -4.29
CA GLY A 357 -28.17 35.43 -4.24
C GLY A 357 -27.44 35.48 -2.91
N CYS A 358 -26.12 35.74 -2.96
CA CYS A 358 -25.25 35.87 -1.78
C CYS A 358 -24.06 36.78 -2.08
N ASN A 359 -23.39 37.27 -1.03
CA ASN A 359 -22.21 38.12 -1.16
C ASN A 359 -21.17 37.79 -0.09
N LEU A 360 -19.94 38.27 -0.24
CA LEU A 360 -18.88 38.06 0.75
C LEU A 360 -19.15 38.84 2.02
N LYS A 361 -18.87 38.23 3.18
CA LYS A 361 -19.00 38.93 4.47
C LYS A 361 -17.93 40.02 4.52
N ASN A 362 -18.21 41.14 5.19
CA ASN A 362 -17.24 42.24 5.28
C ASN A 362 -15.96 41.81 6.04
N LYS A 363 -16.10 40.85 6.97
CA LYS A 363 -14.99 40.30 7.75
C LYS A 363 -14.05 39.41 6.88
N SER A 364 -14.50 38.99 5.68
CA SER A 364 -13.69 38.17 4.76
C SER A 364 -12.77 39.01 3.84
N THR A 365 -12.78 40.36 3.96
CA THR A 365 -12.02 41.33 3.15
C THR A 365 -10.51 41.00 3.08
N GLN A 366 -9.84 40.79 4.23
CA GLN A 366 -8.41 40.42 4.27
C GLN A 366 -8.17 39.10 3.54
N ALA A 367 -9.00 38.07 3.83
CA ALA A 367 -8.88 36.72 3.24
C ALA A 367 -8.92 36.80 1.72
N LEU A 368 -9.88 37.57 1.15
CA LEU A 368 -10.01 37.81 -0.29
C LEU A 368 -8.74 38.45 -0.85
N GLU A 369 -8.23 39.50 -0.15
CA GLU A 369 -7.01 40.24 -0.46
C GLU A 369 -5.78 39.33 -0.49
N TYR A 370 -5.53 38.62 0.59
CA TYR A 370 -4.41 37.71 0.77
C TYR A 370 -4.45 36.55 -0.22
N CYS A 371 -5.63 35.97 -0.41
CA CYS A 371 -5.77 34.85 -1.32
C CYS A 371 -5.50 35.27 -2.76
N ALA A 372 -6.12 36.40 -3.21
CA ALA A 372 -5.96 36.94 -4.57
C ALA A 372 -4.50 37.33 -4.87
N GLU A 373 -3.80 37.91 -3.90
CA GLU A 373 -2.40 38.30 -4.03
C GLU A 373 -1.52 37.05 -4.16
N LEU A 374 -1.75 36.03 -3.33
CA LEU A 374 -0.94 34.82 -3.38
C LEU A 374 -1.25 33.93 -4.60
N LEU A 375 -2.49 33.97 -5.09
CA LEU A 375 -2.85 33.16 -6.24
C LEU A 375 -2.75 33.94 -7.59
N GLY A 376 -2.37 35.22 -7.55
CA GLY A 376 -2.20 36.07 -8.73
C GLY A 376 -3.48 36.46 -9.41
N LEU A 377 -4.52 36.74 -8.65
CA LEU A 377 -5.83 37.04 -9.20
C LEU A 377 -6.28 38.44 -8.84
N ASP A 378 -7.22 38.96 -9.66
CA ASP A 378 -7.91 40.21 -9.44
C ASP A 378 -9.01 39.88 -8.42
N GLN A 379 -9.09 40.65 -7.33
CA GLN A 379 -10.01 40.41 -6.21
C GLN A 379 -11.46 40.30 -6.67
N ASP A 380 -11.88 41.21 -7.55
CA ASP A 380 -13.23 41.26 -8.08
C ASP A 380 -13.53 40.03 -8.94
N ASP A 381 -12.53 39.55 -9.71
CA ASP A 381 -12.62 38.33 -10.50
C ASP A 381 -12.89 37.16 -9.56
N LEU A 382 -12.10 37.04 -8.45
CA LEU A 382 -12.29 35.99 -7.45
C LEU A 382 -13.69 36.11 -6.80
N ARG A 383 -14.06 37.31 -6.32
CA ARG A 383 -15.36 37.59 -5.72
C ARG A 383 -16.53 37.13 -6.64
N VAL A 384 -16.50 37.54 -7.93
CA VAL A 384 -17.50 37.22 -8.95
C VAL A 384 -17.52 35.68 -9.21
N SER A 385 -16.34 35.06 -9.39
CA SER A 385 -16.22 33.62 -9.66
C SER A 385 -16.66 32.74 -8.49
N LEU A 386 -16.72 33.31 -7.27
CA LEU A 386 -17.15 32.57 -6.08
C LEU A 386 -18.62 32.75 -5.77
N THR A 387 -19.25 33.83 -6.27
CA THR A 387 -20.64 34.14 -5.93
C THR A 387 -21.60 34.10 -7.14
N THR A 388 -21.08 33.75 -8.34
CA THR A 388 -21.88 33.64 -9.57
C THR A 388 -21.43 32.44 -10.43
N ARG A 389 -22.12 32.48 -11.21
CA ARG A 389 -21.90 31.25 -11.98
C ARG A 389 -22.28 31.51 -13.46
N VAL A 390 -21.75 31.20 -14.76
CA VAL A 390 -21.99 31.54 -16.18
C VAL A 390 -22.88 30.43 -16.78
N MET A 391 -24.07 30.82 -17.29
CA MET A 391 -25.06 29.88 -17.86
C MET A 391 -25.60 30.33 -19.22
N LEU A 392 -26.19 29.39 -19.99
CA LEU A 392 -26.79 29.68 -21.31
C LEU A 392 -28.32 29.70 -21.20
N VAL A 402 -25.07 33.48 -22.38
CA VAL A 402 -24.29 33.93 -21.22
C VAL A 402 -25.20 34.71 -20.26
N ILE A 403 -25.26 34.26 -18.98
CA ILE A 403 -26.06 34.86 -17.91
C ILE A 403 -25.42 34.51 -16.54
N LYS A 404 -24.96 35.53 -15.80
CA LYS A 404 -24.34 35.38 -14.49
C LYS A 404 -25.42 35.14 -13.42
N VAL A 405 -25.69 33.86 -13.13
CA VAL A 405 -26.68 33.46 -12.12
C VAL A 405 -26.03 33.54 -10.72
N PRO A 406 -26.65 34.29 -9.77
CA PRO A 406 -26.07 34.41 -8.42
C PRO A 406 -26.18 33.09 -7.65
N LEU A 407 -25.11 32.76 -6.94
CA LEU A 407 -25.10 31.53 -6.17
C LEU A 407 -25.62 31.76 -4.78
N LYS A 408 -26.26 30.72 -4.20
CA LYS A 408 -26.68 30.71 -2.82
C LYS A 408 -25.41 30.48 -1.99
N VAL A 409 -25.42 30.88 -0.70
CA VAL A 409 -24.31 30.75 0.27
C VAL A 409 -23.66 29.36 0.18
N GLU A 410 -24.48 28.29 0.16
CA GLU A 410 -23.95 26.92 0.12
C GLU A 410 -23.26 26.60 -1.20
N GLN A 411 -23.73 27.18 -2.33
CA GLN A 411 -23.13 26.97 -3.64
C GLN A 411 -21.77 27.69 -3.70
N ALA A 412 -21.67 28.86 -3.03
CA ALA A 412 -20.46 29.66 -2.96
C ALA A 412 -19.36 28.94 -2.16
N ASN A 413 -19.76 28.32 -1.00
CA ASN A 413 -18.91 27.49 -0.14
C ASN A 413 -18.31 26.39 -0.96
N ASN A 414 -19.14 25.74 -1.79
CA ASN A 414 -18.74 24.65 -2.69
C ASN A 414 -17.81 25.13 -3.82
N ALA A 415 -18.06 26.35 -4.39
CA ALA A 415 -17.20 26.95 -5.44
C ALA A 415 -15.82 27.21 -4.84
N ARG A 416 -15.81 27.75 -3.62
CA ARG A 416 -14.62 28.05 -2.85
C ARG A 416 -13.77 26.80 -2.60
N ASP A 417 -14.40 25.75 -2.05
CA ASP A 417 -13.74 24.51 -1.69
C ASP A 417 -13.31 23.73 -2.93
N ALA A 418 -14.11 23.78 -4.04
CA ALA A 418 -13.73 23.10 -5.29
C ALA A 418 -12.47 23.74 -5.89
N LEU A 419 -12.34 25.06 -5.75
CA LEU A 419 -11.15 25.79 -6.23
C LEU A 419 -9.92 25.37 -5.44
N ALA A 420 -10.05 25.31 -4.09
CA ALA A 420 -9.01 24.88 -3.11
C ALA A 420 -8.49 23.49 -3.44
N LYS A 421 -9.42 22.53 -3.59
CA LYS A 421 -9.14 21.12 -3.90
C LYS A 421 -8.43 21.00 -5.24
N THR A 422 -8.88 21.75 -6.28
CA THR A 422 -8.23 21.73 -7.59
C THR A 422 -6.81 22.29 -7.53
N VAL A 423 -6.66 23.45 -6.86
CA VAL A 423 -5.36 24.13 -6.76
C VAL A 423 -4.35 23.24 -6.02
N TYR A 424 -4.78 22.64 -4.91
CA TYR A 424 -3.90 21.79 -4.11
C TYR A 424 -3.58 20.52 -4.89
N SER A 425 -4.58 19.86 -5.50
CA SER A 425 -4.32 18.66 -6.27
C SER A 425 -3.31 18.91 -7.42
N HIS A 426 -3.48 20.03 -8.16
CA HIS A 426 -2.57 20.46 -9.21
C HIS A 426 -1.16 20.74 -8.67
N LEU A 427 -1.06 21.38 -7.48
CA LEU A 427 0.22 21.60 -6.81
C LEU A 427 0.90 20.25 -6.48
N PHE A 428 0.13 19.26 -6.00
CA PHE A 428 0.69 17.94 -5.71
C PHE A 428 1.24 17.27 -7.00
N ASP A 429 0.50 17.33 -8.14
CA ASP A 429 0.94 16.85 -9.47
C ASP A 429 2.23 17.52 -9.88
N HIS A 430 2.36 18.82 -9.59
CA HIS A 430 3.56 19.61 -9.88
C HIS A 430 4.72 19.04 -9.10
N VAL A 431 4.55 18.87 -7.77
CA VAL A 431 5.54 18.31 -6.85
C VAL A 431 5.96 16.92 -7.36
N VAL A 432 5.01 16.00 -7.66
CA VAL A 432 5.36 14.67 -8.17
C VAL A 432 6.19 14.79 -9.47
N ASN A 433 5.71 15.59 -10.42
CA ASN A 433 6.41 15.77 -11.69
C ASN A 433 7.80 16.43 -11.52
N ARG A 434 7.92 17.42 -10.62
CA ARG A 434 9.19 18.12 -10.30
C ARG A 434 10.23 17.14 -9.75
N VAL A 435 9.77 16.18 -8.94
CA VAL A 435 10.57 15.14 -8.32
C VAL A 435 11.11 14.20 -9.42
N ASN A 436 10.27 13.88 -10.42
CA ASN A 436 10.58 13.02 -11.56
C ASN A 436 11.64 13.67 -12.49
N GLN A 437 11.62 15.03 -12.57
CA GLN A 437 12.59 15.81 -13.34
C GLN A 437 13.92 15.90 -12.60
N CYS A 438 13.94 15.63 -11.28
CA CYS A 438 15.18 15.77 -10.54
C CYS A 438 16.08 14.50 -10.67
N PHE A 439 15.54 13.38 -11.19
CA PHE A 439 16.31 12.15 -11.46
C PHE A 439 15.83 11.56 -12.80
N PRO A 440 15.93 12.31 -13.94
CA PRO A 440 15.44 11.77 -15.21
C PRO A 440 16.45 10.85 -15.88
N PHE A 441 16.00 10.16 -16.92
CA PHE A 441 16.83 9.24 -17.69
C PHE A 441 16.39 9.24 -19.15
N GLU A 442 17.38 9.23 -20.06
CA GLU A 442 17.15 9.18 -21.49
C GLU A 442 16.49 7.84 -21.85
N THR A 443 17.17 6.71 -21.53
CA THR A 443 16.72 5.34 -21.80
C THR A 443 17.07 4.40 -20.63
N SER A 444 16.48 3.19 -20.62
CA SER A 444 16.71 2.16 -19.60
C SER A 444 16.46 0.77 -20.14
N SER A 445 17.09 -0.25 -19.55
CA SER A 445 16.91 -1.63 -19.97
C SER A 445 15.80 -2.27 -19.13
N TYR A 446 15.90 -2.15 -17.80
CA TYR A 446 14.91 -2.69 -16.88
C TYR A 446 14.68 -1.74 -15.71
N PHE A 447 13.68 -2.07 -14.90
CA PHE A 447 13.36 -1.31 -13.71
C PHE A 447 12.95 -2.25 -12.55
N ILE A 448 13.11 -1.72 -11.35
CA ILE A 448 12.61 -2.36 -10.17
C ILE A 448 11.58 -1.36 -9.67
N GLY A 449 10.31 -1.76 -9.73
CA GLY A 449 9.21 -0.91 -9.29
C GLY A 449 8.74 -1.33 -7.92
N VAL A 450 8.41 -0.36 -7.08
CA VAL A 450 7.98 -0.65 -5.72
C VAL A 450 6.60 -0.05 -5.57
N LEU A 451 5.59 -0.88 -5.31
CA LEU A 451 4.24 -0.37 -5.17
C LEU A 451 3.84 -0.17 -3.69
N ASP A 452 3.43 1.05 -3.37
CA ASP A 452 2.99 1.41 -2.03
C ASP A 452 1.63 2.07 -2.16
N ILE A 453 0.56 1.27 -2.06
N ILE A 453 0.55 1.25 -2.10
CA ILE A 453 -0.80 1.80 -2.17
CA ILE A 453 -0.84 1.67 -2.22
C ILE A 453 -1.66 1.14 -1.09
C ILE A 453 -1.65 1.11 -1.06
N ALA A 454 -2.68 1.87 -0.63
CA ALA A 454 -3.62 1.54 0.42
C ALA A 454 -4.26 0.18 0.20
N GLY A 455 -4.40 -0.57 1.28
CA GLY A 455 -5.01 -1.89 1.22
C GLY A 455 -6.49 -1.84 1.50
N PHE A 456 -7.16 -2.97 1.32
CA PHE A 456 -8.57 -3.08 1.62
C PHE A 456 -8.83 -2.65 3.07
N GLU A 457 -9.85 -1.80 3.23
CA GLU A 457 -10.29 -1.38 4.53
C GLU A 457 -11.72 -0.88 4.48
N TYR A 458 -12.38 -1.09 5.61
CA TYR A 458 -13.70 -0.62 5.91
C TYR A 458 -13.66 0.04 7.32
N PHE A 459 -14.51 1.02 7.42
CA PHE A 459 -14.75 1.95 8.47
C PHE A 459 -16.21 1.84 8.65
N GLU A 460 -16.78 2.64 9.55
CA GLU A 460 -18.21 2.62 9.84
C GLU A 460 -18.91 3.24 8.69
N HIS A 461 -18.22 4.18 8.05
CA HIS A 461 -18.72 4.92 6.91
C HIS A 461 -17.76 4.81 5.78
N ASN A 462 -18.25 4.25 4.67
CA ASN A 462 -17.43 4.11 3.47
C ASN A 462 -18.01 4.97 2.37
N SER A 463 -17.16 5.80 1.79
CA SER A 463 -17.55 6.74 0.73
C SER A 463 -16.78 6.42 -0.57
N PHE A 464 -16.82 7.35 -1.54
CA PHE A 464 -16.22 7.18 -2.85
C PHE A 464 -14.74 6.92 -2.75
N GLU A 465 -14.05 7.55 -1.79
CA GLU A 465 -12.62 7.33 -1.52
C GLU A 465 -12.27 5.85 -1.22
N GLN A 466 -13.05 5.19 -0.33
CA GLN A 466 -12.87 3.78 0.04
C GLN A 466 -13.22 2.89 -1.14
N PHE A 467 -14.29 3.23 -1.89
CA PHE A 467 -14.73 2.49 -3.07
C PHE A 467 -13.60 2.38 -4.09
N CYS A 468 -12.86 3.46 -4.28
CA CYS A 468 -11.79 3.55 -5.26
C CYS A 468 -10.64 2.71 -4.82
N ILE A 469 -10.21 2.87 -3.56
CA ILE A 469 -9.14 2.09 -2.91
C ILE A 469 -9.50 0.60 -2.94
N ASN A 470 -10.74 0.23 -2.58
CA ASN A 470 -11.17 -1.17 -2.59
C ASN A 470 -11.27 -1.72 -3.97
N TYR A 471 -11.60 -0.90 -4.97
CA TYR A 471 -11.64 -1.32 -6.40
C TYR A 471 -10.20 -1.68 -6.83
N CYS A 472 -9.25 -0.79 -6.51
CA CYS A 472 -7.85 -1.01 -6.82
C CYS A 472 -7.32 -2.34 -6.18
N ASN A 473 -7.68 -2.59 -4.91
N ASN A 473 -7.68 -2.62 -4.91
CA ASN A 473 -7.27 -3.77 -4.16
CA ASN A 473 -7.25 -3.82 -4.17
C ASN A 473 -7.82 -5.04 -4.78
C ASN A 473 -7.83 -5.07 -4.77
N GLU A 474 -9.07 -4.99 -5.29
CA GLU A 474 -9.73 -6.11 -5.97
C GLU A 474 -8.85 -6.61 -7.17
N LYS A 475 -8.28 -5.67 -7.89
CA LYS A 475 -7.42 -5.94 -9.07
C LYS A 475 -6.06 -6.43 -8.64
N LEU A 476 -5.45 -5.83 -7.58
CA LEU A 476 -4.13 -6.28 -7.09
C LEU A 476 -4.24 -7.67 -6.44
N GLN A 477 -5.37 -7.99 -5.74
CA GLN A 477 -5.57 -9.33 -5.16
C GLN A 477 -5.64 -10.36 -6.27
N GLN A 478 -6.36 -10.04 -7.37
CA GLN A 478 -6.49 -10.94 -8.51
C GLN A 478 -5.11 -11.24 -9.06
N PHE A 479 -4.28 -10.19 -9.27
CA PHE A 479 -2.91 -10.34 -9.72
C PHE A 479 -2.13 -11.32 -8.77
N PHE A 480 -2.12 -11.04 -7.46
CA PHE A 480 -1.45 -11.87 -6.43
C PHE A 480 -1.94 -13.32 -6.50
N ASN A 481 -3.27 -13.53 -6.61
CA ASN A 481 -3.89 -14.86 -6.69
C ASN A 481 -3.41 -15.65 -7.91
N GLU A 482 -3.21 -14.96 -9.04
CA GLU A 482 -2.79 -15.57 -10.30
C GLU A 482 -1.36 -15.98 -10.24
N ARG A 483 -0.49 -15.06 -9.79
CA ARG A 483 0.95 -15.25 -9.69
C ARG A 483 1.33 -16.30 -8.65
N ILE A 484 0.65 -16.31 -7.50
CA ILE A 484 1.01 -17.20 -6.39
C ILE A 484 0.20 -18.51 -6.36
N LEU A 485 -1.10 -18.48 -6.68
CA LEU A 485 -1.89 -19.71 -6.60
C LEU A 485 -2.14 -20.33 -7.96
N LYS A 486 -2.50 -19.52 -8.97
CA LYS A 486 -2.86 -20.09 -10.28
C LYS A 486 -1.64 -20.65 -11.03
N GLU A 487 -0.57 -19.85 -11.21
CA GLU A 487 0.61 -20.28 -11.99
C GLU A 487 1.35 -21.45 -11.32
N GLU A 488 1.49 -21.41 -9.99
CA GLU A 488 2.14 -22.46 -9.20
C GLU A 488 1.43 -23.82 -9.39
N GLN A 489 0.09 -23.85 -9.23
CA GLN A 489 -0.71 -25.07 -9.43
C GLN A 489 -0.72 -25.51 -10.90
N GLU A 490 -0.63 -24.56 -11.85
CA GLU A 490 -0.53 -24.91 -13.26
C GLU A 490 0.79 -25.62 -13.54
N LEU A 491 1.85 -25.19 -12.85
CA LEU A 491 3.18 -25.82 -12.97
C LEU A 491 3.16 -27.25 -12.42
N TYR A 492 2.45 -27.51 -11.28
CA TYR A 492 2.30 -28.84 -10.67
C TYR A 492 1.53 -29.80 -11.59
N GLN A 493 0.43 -29.31 -12.23
CA GLN A 493 -0.40 -30.04 -13.19
C GLN A 493 0.35 -30.30 -14.50
N LYS A 494 1.12 -29.31 -15.00
CA LYS A 494 1.93 -29.44 -16.25
C LYS A 494 3.02 -30.50 -16.05
N GLU A 495 3.55 -30.61 -14.82
CA GLU A 495 4.61 -31.56 -14.49
C GLU A 495 4.02 -32.93 -14.09
N GLY A 496 2.70 -32.95 -13.82
CA GLY A 496 1.94 -34.14 -13.44
C GLY A 496 2.29 -34.65 -12.05
N LEU A 497 2.38 -33.75 -11.09
CA LEU A 497 2.77 -34.09 -9.72
C LEU A 497 1.60 -34.64 -8.87
N GLY A 498 0.36 -34.45 -9.32
CA GLY A 498 -0.84 -34.95 -8.63
C GLY A 498 -1.03 -34.41 -7.23
N VAL A 499 -0.73 -33.12 -7.06
CA VAL A 499 -0.85 -32.37 -5.81
C VAL A 499 -2.34 -32.07 -5.57
N ASN A 500 -2.78 -32.00 -4.30
CA ASN A 500 -4.16 -31.63 -3.96
C ASN A 500 -4.39 -30.19 -4.39
N GLU A 501 -5.45 -29.97 -5.16
CA GLU A 501 -5.81 -28.65 -5.67
C GLU A 501 -6.34 -27.74 -4.56
N VAL A 502 -5.84 -26.51 -4.56
CA VAL A 502 -6.26 -25.44 -3.66
C VAL A 502 -7.00 -24.42 -4.54
N HIS A 503 -8.30 -24.25 -4.25
CA HIS A 503 -9.17 -23.39 -5.05
C HIS A 503 -9.39 -22.06 -4.36
N TYR A 504 -9.35 -20.99 -5.15
CA TYR A 504 -9.60 -19.65 -4.65
C TYR A 504 -10.82 -19.09 -5.34
N VAL A 505 -11.51 -18.13 -4.71
CA VAL A 505 -12.68 -17.51 -5.32
C VAL A 505 -12.18 -16.50 -6.31
N ASP A 506 -12.50 -16.71 -7.59
CA ASP A 506 -12.17 -15.78 -8.67
C ASP A 506 -13.01 -14.52 -8.48
N ASN A 507 -12.36 -13.35 -8.51
CA ASN A 507 -13.04 -12.06 -8.26
C ASN A 507 -13.18 -11.20 -9.54
N GLN A 508 -13.04 -11.81 -10.73
CA GLN A 508 -13.24 -11.10 -11.99
C GLN A 508 -14.62 -10.46 -12.06
N ASP A 509 -15.65 -11.15 -11.56
CA ASP A 509 -17.02 -10.65 -11.56
C ASP A 509 -17.17 -9.41 -10.65
N CYS A 510 -16.32 -9.28 -9.64
CA CYS A 510 -16.35 -8.11 -8.76
C CYS A 510 -15.73 -6.92 -9.47
N ILE A 511 -14.60 -7.17 -10.16
CA ILE A 511 -13.87 -6.19 -10.97
C ILE A 511 -14.78 -5.66 -12.08
N ASP A 512 -15.45 -6.58 -12.80
CA ASP A 512 -16.35 -6.24 -13.90
C ASP A 512 -17.48 -5.37 -13.43
N LEU A 513 -18.09 -5.76 -12.31
CA LEU A 513 -19.19 -5.01 -11.70
C LEU A 513 -18.83 -3.55 -11.58
N ILE A 514 -17.59 -3.26 -11.17
CA ILE A 514 -17.16 -1.89 -10.95
C ILE A 514 -16.70 -1.20 -12.24
N GLU A 515 -15.82 -1.87 -13.00
CA GLU A 515 -15.14 -1.23 -14.09
C GLU A 515 -15.67 -1.50 -15.53
N ALA A 516 -16.63 -2.43 -15.80
CA ALA A 516 -17.02 -2.69 -17.21
C ALA A 516 -17.57 -1.45 -17.84
N ARG A 517 -17.29 -1.25 -19.16
CA ARG A 517 -17.79 -0.09 -19.89
C ARG A 517 -19.30 -0.18 -20.00
N LEU A 518 -19.96 0.96 -19.87
CA LEU A 518 -21.40 1.17 -19.95
C LEU A 518 -22.17 0.58 -18.74
N VAL A 519 -21.98 -0.71 -18.44
CA VAL A 519 -22.72 -1.43 -17.43
C VAL A 519 -22.05 -1.38 -16.04
N GLY A 520 -20.75 -1.11 -15.97
CA GLY A 520 -20.05 -1.04 -14.69
C GLY A 520 -20.50 0.14 -13.87
N ILE A 521 -20.27 0.07 -12.51
CA ILE A 521 -20.66 1.13 -11.58
C ILE A 521 -19.96 2.48 -11.91
N LEU A 522 -18.68 2.46 -12.26
CA LEU A 522 -17.95 3.70 -12.59
C LEU A 522 -18.54 4.44 -13.82
N ASP A 523 -19.02 3.70 -14.85
CA ASP A 523 -19.65 4.30 -16.03
C ASP A 523 -21.09 4.73 -15.72
N ILE A 524 -21.79 4.00 -14.83
CA ILE A 524 -23.16 4.36 -14.39
C ILE A 524 -23.07 5.67 -13.57
N LEU A 525 -21.98 5.84 -12.78
CA LEU A 525 -21.74 7.07 -12.04
C LEU A 525 -21.46 8.23 -13.01
N ASP A 526 -20.56 8.03 -13.99
CA ASP A 526 -20.28 9.01 -15.05
C ASP A 526 -21.55 9.47 -15.78
N GLU A 527 -22.43 8.51 -16.13
CA GLU A 527 -23.73 8.71 -16.77
C GLU A 527 -24.56 9.65 -15.92
N GLU A 528 -24.57 9.45 -14.59
CA GLU A 528 -25.29 10.30 -13.66
C GLU A 528 -24.78 11.72 -13.71
N ASN A 529 -23.46 11.91 -13.67
CA ASN A 529 -22.82 13.22 -13.76
C ASN A 529 -23.18 14.02 -15.05
N ARG A 530 -23.57 13.33 -16.14
CA ARG A 530 -23.91 13.91 -17.44
C ARG A 530 -25.43 14.14 -17.61
N LEU A 531 -26.24 13.74 -16.62
CA LEU A 531 -27.70 13.92 -16.67
C LEU A 531 -28.10 15.38 -16.37
N PRO A 532 -29.26 15.91 -16.86
CA PRO A 532 -29.62 17.31 -16.57
C PRO A 532 -29.64 17.65 -15.08
N GLN A 533 -30.17 16.76 -14.24
CA GLN A 533 -30.18 16.97 -12.78
C GLN A 533 -29.56 15.74 -12.08
N PRO A 534 -28.21 15.70 -11.94
CA PRO A 534 -27.57 14.55 -11.30
C PRO A 534 -28.00 14.32 -9.83
N SER A 535 -28.28 13.05 -9.50
CA SER A 535 -28.71 12.62 -8.17
C SER A 535 -27.98 11.36 -7.73
N ASP A 536 -27.46 11.33 -6.50
CA ASP A 536 -26.80 10.16 -5.89
C ASP A 536 -27.80 8.99 -5.85
N GLN A 537 -29.07 9.28 -5.56
CA GLN A 537 -30.14 8.30 -5.45
C GLN A 537 -30.47 7.70 -6.81
N HIS A 538 -30.62 8.56 -7.84
CA HIS A 538 -30.87 8.08 -9.20
C HIS A 538 -29.73 7.15 -9.64
N PHE A 539 -28.48 7.51 -9.31
CA PHE A 539 -27.30 6.70 -9.65
C PHE A 539 -27.41 5.35 -8.94
N THR A 540 -27.65 5.34 -7.61
CA THR A 540 -27.71 4.15 -6.79
C THR A 540 -28.81 3.20 -7.26
N SER A 541 -30.00 3.74 -7.57
CA SER A 541 -31.11 2.93 -8.09
C SER A 541 -30.72 2.32 -9.43
N ALA A 542 -29.94 3.05 -10.25
CA ALA A 542 -29.50 2.55 -11.57
C ALA A 542 -28.52 1.38 -11.42
N VAL A 543 -27.68 1.40 -10.38
CA VAL A 543 -26.72 0.33 -10.09
C VAL A 543 -27.49 -0.92 -9.66
N HIS A 544 -28.45 -0.73 -8.71
CA HIS A 544 -29.26 -1.83 -8.19
C HIS A 544 -30.15 -2.44 -9.28
N GLN A 545 -30.76 -1.60 -10.16
CA GLN A 545 -31.66 -2.03 -11.24
C GLN A 545 -30.87 -2.84 -12.26
N LYS A 546 -29.69 -2.36 -12.68
CA LYS A 546 -28.83 -3.03 -13.67
C LYS A 546 -28.26 -4.33 -13.10
N HIS A 547 -27.80 -4.32 -11.85
CA HIS A 547 -27.13 -5.46 -11.24
C HIS A 547 -27.95 -6.13 -10.12
N LYS A 548 -29.29 -6.14 -10.26
CA LYS A 548 -30.23 -6.73 -9.30
C LYS A 548 -29.90 -8.20 -8.99
N ASP A 549 -29.48 -8.96 -10.01
CA ASP A 549 -29.16 -10.37 -9.87
C ASP A 549 -27.64 -10.67 -9.68
N HIS A 550 -26.79 -9.63 -9.58
CA HIS A 550 -25.34 -9.81 -9.40
C HIS A 550 -24.95 -10.34 -8.01
N PHE A 551 -24.09 -11.36 -8.01
CA PHE A 551 -23.54 -12.07 -6.87
C PHE A 551 -22.77 -11.14 -5.91
N ARG A 552 -22.04 -10.14 -6.44
CA ARG A 552 -21.19 -9.24 -5.66
C ARG A 552 -21.87 -7.98 -5.18
N LEU A 553 -23.14 -7.75 -5.55
CA LEU A 553 -23.84 -6.55 -5.13
C LEU A 553 -25.08 -6.83 -4.29
N SER A 554 -25.30 -6.01 -3.24
CA SER A 554 -26.53 -6.09 -2.48
C SER A 554 -27.02 -4.70 -2.06
N ILE A 555 -28.32 -4.62 -1.72
CA ILE A 555 -28.93 -3.44 -1.11
C ILE A 555 -28.43 -3.40 0.37
N PRO A 556 -28.25 -2.22 1.02
CA PRO A 556 -27.73 -2.21 2.41
C PRO A 556 -28.57 -3.00 3.45
N ARG A 557 -29.89 -3.13 3.22
CA ARG A 557 -30.85 -3.89 4.03
C ARG A 557 -30.37 -5.33 4.36
N LYS A 558 -29.77 -6.02 3.35
CA LYS A 558 -29.27 -7.40 3.37
C LYS A 558 -27.88 -7.55 4.02
N SER A 559 -27.34 -6.45 4.63
CA SER A 559 -26.05 -6.46 5.31
C SER A 559 -26.10 -7.41 6.48
N LYS A 560 -24.96 -8.03 6.79
CA LYS A 560 -24.82 -8.94 7.94
C LYS A 560 -24.73 -8.09 9.21
N LEU A 561 -24.28 -6.82 9.09
CA LEU A 561 -24.15 -5.86 10.17
C LEU A 561 -25.40 -5.00 10.34
N ALA A 562 -25.99 -5.08 11.54
CA ALA A 562 -27.19 -4.34 11.96
C ALA A 562 -27.04 -2.82 11.78
N ILE A 563 -25.82 -2.26 12.02
CA ILE A 563 -25.57 -0.82 11.88
C ILE A 563 -25.87 -0.26 10.45
N HIS A 564 -26.00 -1.13 9.40
CA HIS A 564 -26.27 -0.67 8.00
C HIS A 564 -27.72 -0.90 7.55
N ARG A 565 -28.55 -1.61 8.35
CA ARG A 565 -29.92 -2.02 7.95
C ARG A 565 -30.92 -0.86 7.69
N ASN A 566 -30.63 0.39 8.11
CA ASN A 566 -31.57 1.50 7.90
C ASN A 566 -31.28 2.29 6.65
N ILE A 567 -30.12 2.05 6.03
CA ILE A 567 -29.72 2.73 4.81
C ILE A 567 -30.68 2.28 3.69
N ARG A 568 -31.42 3.24 3.12
CA ARG A 568 -32.37 2.98 2.04
C ARG A 568 -31.65 2.38 0.82
N ASP A 569 -32.39 1.69 -0.06
CA ASP A 569 -31.82 1.03 -1.24
C ASP A 569 -31.11 2.04 -2.13
N ASP A 570 -31.68 3.26 -2.30
CA ASP A 570 -31.09 4.31 -3.11
C ASP A 570 -30.05 5.15 -2.33
N GLU A 571 -29.70 4.76 -1.08
CA GLU A 571 -28.71 5.54 -0.35
C GLU A 571 -27.42 4.79 -0.16
N GLY A 572 -27.32 3.61 -0.76
CA GLY A 572 -26.10 2.81 -0.66
C GLY A 572 -26.15 1.48 -1.37
N PHE A 573 -25.07 0.73 -1.23
CA PHE A 573 -24.93 -0.62 -1.75
C PHE A 573 -23.80 -1.37 -1.05
N ILE A 574 -23.84 -2.68 -1.15
CA ILE A 574 -22.82 -3.57 -0.61
C ILE A 574 -22.07 -4.20 -1.77
N ILE A 575 -20.76 -4.23 -1.65
CA ILE A 575 -19.94 -4.91 -2.62
C ILE A 575 -19.28 -6.04 -1.87
N ARG A 576 -19.40 -7.26 -2.37
CA ARG A 576 -18.76 -8.39 -1.72
C ARG A 576 -17.34 -8.45 -2.25
N HIS A 577 -16.43 -7.68 -1.64
CA HIS A 577 -15.02 -7.66 -2.04
C HIS A 577 -14.36 -8.98 -1.65
N PHE A 578 -13.16 -9.26 -2.22
CA PHE A 578 -12.39 -10.46 -1.94
C PHE A 578 -12.24 -10.67 -0.42
N ALA A 579 -11.82 -9.62 0.33
CA ALA A 579 -11.55 -9.66 1.75
C ALA A 579 -12.80 -9.50 2.64
N GLY A 580 -13.97 -9.29 2.03
CA GLY A 580 -15.22 -9.14 2.77
C GLY A 580 -16.16 -8.08 2.21
N ALA A 581 -17.43 -8.13 2.64
CA ALA A 581 -18.48 -7.21 2.24
C ALA A 581 -18.21 -5.80 2.77
N VAL A 582 -18.42 -4.75 1.93
CA VAL A 582 -18.22 -3.36 2.35
C VAL A 582 -19.52 -2.64 2.04
N CYS A 583 -20.13 -2.02 3.04
CA CYS A 583 -21.36 -1.30 2.77
C CYS A 583 -21.02 0.22 2.56
N TYR A 584 -21.28 0.71 1.34
CA TYR A 584 -21.02 2.09 0.94
C TYR A 584 -22.25 2.96 1.07
N GLU A 585 -22.08 4.15 1.62
CA GLU A 585 -23.12 5.18 1.59
C GLU A 585 -22.82 5.97 0.33
N THR A 586 -23.81 6.09 -0.57
CA THR A 586 -23.50 6.67 -1.87
C THR A 586 -23.69 8.19 -1.92
N THR A 587 -24.04 8.84 -0.80
CA THR A 587 -24.15 10.29 -0.70
C THR A 587 -22.80 10.90 -1.11
N GLN A 588 -22.82 11.88 -2.02
CA GLN A 588 -21.63 12.58 -2.50
C GLN A 588 -20.80 11.78 -3.52
N PHE A 589 -21.30 10.61 -4.01
CA PHE A 589 -20.59 9.85 -5.06
C PHE A 589 -20.57 10.68 -6.35
N VAL A 590 -21.70 11.32 -6.69
CA VAL A 590 -21.80 12.15 -7.90
C VAL A 590 -20.77 13.32 -7.85
N GLU A 591 -20.79 14.09 -6.76
CA GLU A 591 -19.90 15.22 -6.49
C GLU A 591 -18.42 14.76 -6.48
N LYS A 592 -18.10 13.70 -5.75
CA LYS A 592 -16.73 13.21 -5.63
C LYS A 592 -16.20 12.63 -6.94
N ASN A 593 -17.06 12.14 -7.82
CA ASN A 593 -16.64 11.61 -9.12
C ASN A 593 -16.22 12.74 -10.15
N ASN A 594 -16.45 14.00 -9.82
CA ASN A 594 -16.09 15.07 -10.76
C ASN A 594 -14.82 15.87 -10.36
N ASP A 595 -13.74 15.73 -11.16
CA ASP A 595 -12.47 16.43 -11.01
C ASP A 595 -12.44 17.84 -11.63
N ALA A 596 -13.48 18.23 -12.41
CA ALA A 596 -13.47 19.50 -13.13
C ALA A 596 -14.13 20.64 -12.38
N LEU A 597 -13.68 21.88 -12.65
CA LEU A 597 -14.25 23.13 -12.10
C LEU A 597 -15.27 23.72 -13.04
N HIS A 598 -16.21 24.56 -12.53
CA HIS A 598 -17.10 25.29 -13.45
C HIS A 598 -16.16 26.18 -14.31
N MET A 599 -16.53 26.47 -15.58
CA MET A 599 -15.68 27.24 -16.53
C MET A 599 -15.13 28.57 -15.95
N SER A 600 -15.95 29.33 -15.20
CA SER A 600 -15.60 30.60 -14.57
C SER A 600 -14.42 30.45 -13.61
N LEU A 601 -14.42 29.38 -12.79
CA LEU A 601 -13.36 29.11 -11.81
C LEU A 601 -12.12 28.59 -12.48
N GLU A 602 -12.27 27.69 -13.46
CA GLU A 602 -11.15 27.16 -14.25
C GLU A 602 -10.44 28.29 -15.01
N SER A 603 -11.21 29.15 -15.69
CA SER A 603 -10.70 30.28 -16.48
C SER A 603 -9.92 31.25 -15.56
N LEU A 604 -10.53 31.55 -14.40
CA LEU A 604 -9.98 32.44 -13.36
C LEU A 604 -8.57 31.99 -12.95
N ILE A 605 -8.39 30.72 -12.56
CA ILE A 605 -7.11 30.20 -12.09
C ILE A 605 -6.10 29.92 -13.24
N CYS A 606 -6.54 29.44 -14.41
CA CYS A 606 -5.65 29.22 -15.57
C CYS A 606 -5.07 30.54 -16.05
N GLU A 607 -5.84 31.64 -15.92
CA GLU A 607 -5.44 32.97 -16.38
C GLU A 607 -4.94 33.85 -15.24
N SER A 608 -4.35 33.23 -14.20
CA SER A 608 -3.68 33.93 -13.09
C SER A 608 -2.53 34.82 -13.65
N ARG A 609 -2.19 35.90 -12.92
CA ARG A 609 -1.08 36.82 -13.27
C ARG A 609 0.25 36.12 -13.06
N ASP A 610 0.30 35.16 -12.12
CA ASP A 610 1.48 34.39 -11.72
C ASP A 610 1.72 33.21 -12.65
N LYS A 611 2.91 33.19 -13.25
CA LYS A 611 3.35 32.18 -14.21
C LYS A 611 3.35 30.79 -13.55
N PHE A 612 3.86 30.67 -12.32
CA PHE A 612 3.90 29.39 -11.63
C PHE A 612 2.48 28.79 -11.49
N ILE A 613 1.49 29.63 -11.12
CA ILE A 613 0.12 29.17 -10.95
C ILE A 613 -0.44 28.72 -12.30
N ARG A 614 -0.22 29.51 -13.37
CA ARG A 614 -0.66 29.13 -14.71
C ARG A 614 -0.06 27.80 -15.13
N GLU A 615 1.25 27.62 -14.84
CA GLU A 615 1.99 26.40 -15.20
C GLU A 615 1.48 25.17 -14.44
N LEU A 616 0.76 25.38 -13.30
CA LEU A 616 0.12 24.30 -12.56
C LEU A 616 -1.02 23.71 -13.41
N PHE A 617 -1.56 24.52 -14.35
CA PHE A 617 -2.72 24.17 -15.19
C PHE A 617 -2.39 24.12 -16.68
N GLU A 618 -1.11 24.34 -17.05
CA GLU A 618 -0.64 24.29 -18.45
C GLU A 618 -0.63 22.82 -18.87
N SER A 619 0.25 22.04 -18.19
CA SER A 619 0.46 20.60 -18.33
C SER A 619 -0.12 19.85 -17.12
N LYS A 628 -11.43 24.44 -24.88
CA LYS A 628 -12.01 25.44 -23.99
C LYS A 628 -13.52 25.22 -23.85
N GLN A 629 -14.02 25.23 -22.60
CA GLN A 629 -15.43 25.02 -22.25
C GLN A 629 -16.33 26.14 -22.76
N LYS A 630 -17.45 25.76 -23.40
CA LYS A 630 -18.47 26.67 -23.92
C LYS A 630 -19.46 26.99 -22.78
N ALA A 631 -20.16 28.15 -22.86
CA ALA A 631 -21.10 28.69 -21.87
C ALA A 631 -22.05 27.64 -21.25
N GLY A 632 -22.90 27.01 -22.06
CA GLY A 632 -23.84 26.00 -21.56
C GLY A 632 -23.40 24.55 -21.72
N LYS A 633 -22.07 24.32 -21.71
CA LYS A 633 -21.46 23.00 -21.83
C LYS A 633 -21.08 22.47 -20.45
N LEU A 634 -21.23 21.16 -20.27
CA LEU A 634 -20.92 20.51 -19.02
C LEU A 634 -19.42 20.35 -18.82
N SER A 635 -18.94 20.81 -17.67
CA SER A 635 -17.54 20.63 -17.28
C SER A 635 -17.52 19.42 -16.33
N PHE A 636 -16.97 18.29 -16.82
CA PHE A 636 -16.95 17.04 -16.07
C PHE A 636 -15.75 16.21 -16.43
N ILE A 637 -14.95 15.86 -15.42
CA ILE A 637 -13.80 14.97 -15.59
C ILE A 637 -14.04 13.86 -14.57
N SER A 638 -14.12 12.61 -15.05
CA SER A 638 -14.40 11.42 -14.26
C SER A 638 -13.20 11.00 -13.45
N VAL A 639 -13.35 11.04 -12.12
CA VAL A 639 -12.32 10.58 -11.18
C VAL A 639 -12.21 9.08 -11.32
N GLY A 640 -13.34 8.40 -11.33
CA GLY A 640 -13.39 6.95 -11.49
C GLY A 640 -12.69 6.39 -12.71
N ASN A 641 -12.97 6.99 -13.86
CA ASN A 641 -12.42 6.52 -15.12
C ASN A 641 -10.99 7.02 -15.31
N LYS A 642 -10.61 8.18 -14.75
CA LYS A 642 -9.20 8.58 -14.76
C LYS A 642 -8.38 7.53 -13.93
N PHE A 643 -8.93 7.10 -12.78
CA PHE A 643 -8.27 6.13 -11.95
C PHE A 643 -8.23 4.74 -12.60
N LYS A 644 -9.34 4.29 -13.22
CA LYS A 644 -9.40 3.01 -13.95
C LYS A 644 -8.28 2.95 -15.02
N THR A 645 -8.05 4.05 -15.73
CA THR A 645 -7.04 4.16 -16.79
C THR A 645 -5.61 4.00 -16.17
N GLN A 646 -5.26 4.85 -15.19
CA GLN A 646 -3.99 4.78 -14.46
C GLN A 646 -3.72 3.38 -13.87
N LEU A 647 -4.77 2.75 -13.34
CA LEU A 647 -4.68 1.43 -12.73
C LEU A 647 -4.45 0.36 -13.81
N ASN A 648 -5.12 0.48 -14.98
CA ASN A 648 -4.90 -0.45 -16.08
C ASN A 648 -3.47 -0.35 -16.62
N LEU A 649 -2.89 0.87 -16.64
CA LEU A 649 -1.48 1.05 -17.01
C LEU A 649 -0.55 0.35 -16.00
N LEU A 650 -0.78 0.58 -14.69
CA LEU A 650 -0.01 -0.02 -13.61
C LEU A 650 -0.03 -1.54 -13.73
N LEU A 651 -1.22 -2.14 -13.96
CA LEU A 651 -1.35 -3.60 -14.05
C LEU A 651 -0.70 -4.19 -15.31
N ASP A 652 -0.52 -3.37 -16.39
CA ASP A 652 0.21 -3.74 -17.61
C ASP A 652 1.67 -3.87 -17.22
N LYS A 653 2.19 -2.86 -16.45
CA LYS A 653 3.56 -2.88 -15.95
C LYS A 653 3.78 -4.08 -15.02
N LEU A 654 2.90 -4.30 -14.03
CA LEU A 654 3.04 -5.42 -13.08
C LEU A 654 3.00 -6.78 -13.79
N ARG A 655 2.07 -6.97 -14.72
CA ARG A 655 1.95 -8.24 -15.44
C ARG A 655 3.18 -8.52 -16.31
N SER A 656 3.86 -7.45 -16.80
CA SER A 656 5.07 -7.56 -17.63
C SER A 656 6.33 -7.96 -16.85
N THR A 657 6.34 -7.78 -15.53
CA THR A 657 7.48 -8.00 -14.64
C THR A 657 7.38 -9.23 -13.78
N GLY A 658 8.52 -9.56 -13.17
CA GLY A 658 8.62 -10.56 -12.12
C GLY A 658 8.08 -9.89 -10.87
N ALA A 659 7.38 -10.63 -10.00
CA ALA A 659 6.79 -10.03 -8.81
C ALA A 659 7.29 -10.63 -7.50
N SER A 660 7.39 -9.78 -6.46
CA SER A 660 7.75 -10.11 -5.06
C SER A 660 6.73 -9.42 -4.15
N PHE A 661 6.38 -10.10 -3.06
CA PHE A 661 5.34 -9.61 -2.18
C PHE A 661 5.83 -9.48 -0.76
N ILE A 662 5.61 -8.28 -0.19
CA ILE A 662 5.88 -7.89 1.18
C ILE A 662 4.52 -7.59 1.82
N ARG A 663 4.09 -8.46 2.73
CA ARG A 663 2.86 -8.30 3.47
C ARG A 663 3.20 -7.64 4.79
N CYS A 664 2.73 -6.41 4.99
CA CYS A 664 2.91 -5.65 6.20
C CYS A 664 1.72 -5.86 7.13
N ILE A 665 2.02 -5.98 8.43
CA ILE A 665 1.06 -6.26 9.48
C ILE A 665 1.08 -5.17 10.56
N LYS A 666 -0.10 -4.64 10.86
CA LYS A 666 -0.28 -3.67 11.95
C LYS A 666 -0.54 -4.53 13.20
N PRO A 667 0.37 -4.54 14.21
CA PRO A 667 0.19 -5.43 15.37
C PRO A 667 -0.91 -5.07 16.36
N ASN A 668 -1.34 -3.79 16.39
CA ASN A 668 -2.36 -3.31 17.33
C ASN A 668 -2.97 -2.00 16.83
N LEU A 669 -3.98 -1.49 17.58
CA LEU A 669 -4.72 -0.28 17.23
C LEU A 669 -4.28 0.92 18.05
N LYS A 670 -3.12 0.81 18.70
CA LYS A 670 -2.63 1.80 19.67
C LYS A 670 -1.25 2.36 19.34
N MET A 671 -0.65 1.94 18.19
CA MET A 671 0.67 2.44 17.74
C MET A 671 1.74 2.12 18.79
N THR A 672 1.56 1.03 19.54
CA THR A 672 2.51 0.69 20.60
C THR A 672 3.37 -0.50 20.24
N SER A 673 4.58 -0.51 20.78
CA SER A 673 5.55 -1.57 20.60
C SER A 673 5.25 -2.71 21.55
N HIS A 674 5.72 -3.92 21.19
CA HIS A 674 5.62 -5.19 21.95
C HIS A 674 4.20 -5.44 22.47
N HIS A 675 3.24 -5.27 21.56
CA HIS A 675 1.82 -5.45 21.79
C HIS A 675 1.21 -6.13 20.56
N PHE A 676 1.35 -7.49 20.53
CA PHE A 676 0.91 -8.38 19.47
C PHE A 676 -0.54 -8.76 19.71
N GLU A 677 -1.45 -8.26 18.88
CA GLU A 677 -2.87 -8.55 18.99
C GLU A 677 -3.23 -9.67 18.04
N GLY A 678 -3.12 -10.91 18.54
CA GLY A 678 -3.32 -12.14 17.80
C GLY A 678 -4.50 -12.22 16.86
N ALA A 679 -5.71 -11.88 17.34
CA ALA A 679 -6.93 -11.94 16.53
C ALA A 679 -6.90 -10.93 15.41
N GLN A 680 -6.38 -9.73 15.69
CA GLN A 680 -6.27 -8.63 14.72
C GLN A 680 -5.28 -9.01 13.64
N ILE A 681 -4.19 -9.70 14.04
CA ILE A 681 -3.13 -10.12 13.12
C ILE A 681 -3.63 -11.28 12.25
N LEU A 682 -4.28 -12.30 12.86
CA LEU A 682 -4.89 -13.44 12.14
C LEU A 682 -5.81 -12.93 11.02
N SER A 683 -6.69 -11.96 11.35
CA SER A 683 -7.61 -11.28 10.45
C SER A 683 -6.90 -10.63 9.25
N GLN A 684 -5.73 -10.01 9.48
CA GLN A 684 -4.96 -9.38 8.37
C GLN A 684 -4.38 -10.42 7.44
N LEU A 685 -3.93 -11.54 8.01
CA LEU A 685 -3.33 -12.65 7.28
C LEU A 685 -4.43 -13.36 6.47
N GLN A 686 -5.64 -13.47 7.04
CA GLN A 686 -6.82 -14.09 6.43
C GLN A 686 -7.37 -13.24 5.29
N CYS A 687 -7.50 -11.92 5.48
CA CYS A 687 -8.01 -11.00 4.46
C CYS A 687 -7.06 -10.82 3.29
N SER A 688 -5.76 -11.08 3.50
CA SER A 688 -4.77 -10.92 2.43
C SER A 688 -4.66 -12.18 1.57
N GLY A 689 -5.38 -13.23 1.96
CA GLY A 689 -5.44 -14.52 1.27
C GLY A 689 -4.28 -15.47 1.52
N MET A 690 -3.59 -15.30 2.65
CA MET A 690 -2.41 -16.11 3.01
C MET A 690 -2.77 -17.52 3.44
N VAL A 691 -4.03 -17.76 3.85
CA VAL A 691 -4.51 -19.09 4.27
C VAL A 691 -4.53 -20.03 3.05
N SER A 692 -4.90 -19.49 1.86
CA SER A 692 -4.88 -20.25 0.60
C SER A 692 -3.41 -20.58 0.22
N VAL A 693 -2.48 -19.60 0.36
CA VAL A 693 -1.03 -19.76 0.16
C VAL A 693 -0.49 -20.92 1.07
N LEU A 694 -0.87 -20.94 2.37
CA LEU A 694 -0.41 -21.97 3.31
C LEU A 694 -0.98 -23.31 2.94
N ASP A 695 -2.28 -23.36 2.58
CA ASP A 695 -2.96 -24.58 2.16
C ASP A 695 -2.27 -25.12 0.90
N LEU A 696 -1.84 -24.21 -0.04
CA LEU A 696 -1.13 -24.62 -1.26
C LEU A 696 0.25 -25.14 -0.93
N MET A 697 1.04 -24.38 -0.17
CA MET A 697 2.38 -24.76 0.25
C MET A 697 2.44 -26.08 0.99
N GLN A 698 1.50 -26.33 1.95
CA GLN A 698 1.49 -27.55 2.78
C GLN A 698 1.37 -28.83 1.93
N GLY A 699 0.84 -28.69 0.71
CA GLY A 699 0.70 -29.79 -0.23
C GLY A 699 1.61 -29.69 -1.44
N GLY A 700 2.11 -28.47 -1.70
CA GLY A 700 2.97 -28.12 -2.82
C GLY A 700 4.45 -28.35 -2.64
N PHE A 701 5.23 -27.95 -3.65
CA PHE A 701 6.68 -28.10 -3.77
C PHE A 701 7.32 -26.74 -4.06
N PRO A 702 7.68 -25.93 -3.02
CA PRO A 702 8.18 -24.58 -3.30
C PRO A 702 9.60 -24.55 -3.86
N SER A 703 10.40 -25.59 -3.55
CA SER A 703 11.76 -25.68 -4.05
C SER A 703 11.80 -26.64 -5.22
N ARG A 704 12.46 -26.22 -6.29
CA ARG A 704 12.52 -27.02 -7.52
C ARG A 704 13.78 -26.71 -8.28
N ALA A 705 14.19 -27.65 -9.17
CA ALA A 705 15.36 -27.53 -10.02
C ALA A 705 15.25 -28.48 -11.20
N SER A 706 15.59 -28.01 -12.42
CA SER A 706 15.58 -28.84 -13.63
C SER A 706 16.60 -29.98 -13.51
N PHE A 707 16.43 -31.05 -14.33
CA PHE A 707 17.32 -32.22 -14.33
C PHE A 707 18.72 -31.79 -14.76
N HIS A 708 18.81 -30.85 -15.74
CA HIS A 708 20.06 -30.30 -16.27
C HIS A 708 20.76 -29.40 -15.21
N GLU A 709 19.98 -28.61 -14.46
CA GLU A 709 20.46 -27.72 -13.38
C GLU A 709 21.15 -28.52 -12.26
N LEU A 710 20.53 -29.63 -11.81
CA LEU A 710 21.08 -30.51 -10.77
C LEU A 710 22.29 -31.26 -11.31
N TYR A 711 22.17 -31.79 -12.55
CA TYR A 711 23.20 -32.48 -13.30
C TYR A 711 24.49 -31.61 -13.40
N ASN A 712 24.38 -30.37 -13.94
CA ASN A 712 25.52 -29.48 -14.11
C ASN A 712 26.16 -29.06 -12.78
N MET A 713 25.35 -28.79 -11.75
CA MET A 713 25.85 -28.36 -10.43
C MET A 713 26.49 -29.52 -9.62
N TYR A 714 25.93 -30.74 -9.67
CA TYR A 714 26.44 -31.79 -8.80
C TYR A 714 27.20 -32.96 -9.49
N LYS A 715 27.40 -32.96 -10.84
CA LYS A 715 28.10 -34.09 -11.50
C LYS A 715 29.56 -34.24 -11.05
N LYS A 716 30.29 -33.14 -10.88
CA LYS A 716 31.69 -33.09 -10.47
C LYS A 716 31.96 -33.81 -9.14
N TYR A 717 30.95 -33.86 -8.24
CA TYR A 717 31.06 -34.46 -6.90
C TYR A 717 30.93 -35.96 -6.94
N MET A 718 30.34 -36.48 -8.03
CA MET A 718 30.05 -37.90 -8.19
C MET A 718 31.09 -38.65 -9.03
N PRO A 719 31.17 -40.00 -8.92
CA PRO A 719 32.07 -40.78 -9.82
C PRO A 719 31.79 -40.47 -11.29
N ASP A 720 32.85 -40.40 -12.13
CA ASP A 720 32.82 -40.01 -13.56
C ASP A 720 31.68 -40.64 -14.39
N LYS A 721 31.47 -41.96 -14.27
CA LYS A 721 30.45 -42.73 -15.00
C LYS A 721 29.01 -42.14 -14.85
N LEU A 722 28.75 -41.41 -13.76
CA LEU A 722 27.44 -40.79 -13.53
C LEU A 722 27.19 -39.64 -14.49
N ALA A 723 28.27 -38.98 -15.00
CA ALA A 723 28.18 -37.88 -15.97
C ALA A 723 27.76 -38.37 -17.34
N ARG A 724 28.13 -39.63 -17.70
CA ARG A 724 27.77 -40.26 -18.97
C ARG A 724 26.24 -40.44 -19.07
N LEU A 725 25.52 -40.44 -17.93
CA LEU A 725 24.06 -40.54 -17.89
C LEU A 725 23.42 -39.22 -18.28
N ASP A 726 22.22 -39.29 -18.88
CA ASP A 726 21.43 -38.12 -19.27
C ASP A 726 20.91 -37.43 -17.99
N PRO A 727 20.68 -36.09 -18.00
CA PRO A 727 20.29 -35.39 -16.76
C PRO A 727 19.20 -36.07 -15.91
N ARG A 728 18.08 -36.54 -16.51
CA ARG A 728 17.00 -37.19 -15.77
C ARG A 728 17.49 -38.43 -15.01
N LEU A 729 18.18 -39.35 -15.72
CA LEU A 729 18.67 -40.60 -15.15
C LEU A 729 19.84 -40.38 -14.18
N PHE A 730 20.65 -39.30 -14.38
CA PHE A 730 21.72 -38.95 -13.43
C PHE A 730 21.03 -38.66 -12.08
N CYS A 731 19.94 -37.86 -12.12
CA CYS A 731 19.13 -37.49 -10.97
C CYS A 731 18.51 -38.76 -10.36
N LYS A 732 17.93 -39.66 -11.19
CA LYS A 732 17.33 -40.91 -10.69
C LYS A 732 18.35 -41.78 -9.94
N ALA A 733 19.61 -41.86 -10.44
CA ALA A 733 20.72 -42.62 -9.85
C ALA A 733 21.22 -41.98 -8.58
N LEU A 734 21.39 -40.65 -8.60
CA LEU A 734 21.85 -39.88 -7.45
C LEU A 734 20.88 -40.06 -6.27
N PHE A 735 19.59 -39.84 -6.51
CA PHE A 735 18.53 -39.91 -5.51
C PHE A 735 18.41 -41.32 -4.94
N LYS A 736 18.73 -42.37 -5.73
CA LYS A 736 18.74 -43.76 -5.25
C LYS A 736 19.97 -43.96 -4.36
N ALA A 737 21.14 -43.42 -4.77
CA ALA A 737 22.38 -43.50 -4.01
C ALA A 737 22.27 -42.78 -2.67
N LEU A 738 21.65 -41.59 -2.65
CA LEU A 738 21.53 -40.81 -1.43
C LEU A 738 20.58 -41.46 -0.43
N GLY A 739 19.61 -42.22 -0.93
CA GLY A 739 18.63 -42.89 -0.09
C GLY A 739 17.63 -41.88 0.42
N LEU A 740 17.26 -40.93 -0.46
CA LEU A 740 16.30 -39.87 -0.18
C LEU A 740 14.88 -40.45 -0.13
N ASN A 741 14.09 -39.98 0.86
CA ASN A 741 12.70 -40.37 1.07
C ASN A 741 11.88 -40.04 -0.19
N GLU A 742 11.32 -41.07 -0.82
CA GLU A 742 10.55 -41.00 -2.08
C GLU A 742 9.47 -39.89 -2.08
N ILE A 743 8.86 -39.59 -0.91
CA ILE A 743 7.81 -38.58 -0.78
C ILE A 743 8.39 -37.16 -0.61
N ASP A 744 9.64 -37.04 -0.10
CA ASP A 744 10.34 -35.77 0.14
C ASP A 744 10.62 -34.99 -1.17
N TYR A 745 10.59 -35.68 -2.32
CA TYR A 745 10.79 -35.09 -3.63
C TYR A 745 9.82 -35.77 -4.60
N LYS A 746 9.64 -35.22 -5.80
CA LYS A 746 8.78 -35.83 -6.80
C LYS A 746 9.30 -35.48 -8.16
N PHE A 747 9.64 -36.51 -8.93
CA PHE A 747 10.14 -36.39 -10.28
C PHE A 747 9.02 -35.97 -11.20
N GLY A 748 9.19 -34.81 -11.82
CA GLY A 748 8.23 -34.27 -12.77
C GLY A 748 8.67 -34.58 -14.19
N LEU A 749 8.15 -33.85 -15.17
CA LEU A 749 8.50 -34.08 -16.57
C LEU A 749 9.87 -33.47 -16.93
N THR A 750 10.22 -32.28 -16.38
CA THR A 750 11.50 -31.63 -16.69
C THR A 750 12.30 -31.23 -15.44
N LYS A 751 11.73 -31.43 -14.22
CA LYS A 751 12.40 -31.00 -12.99
C LYS A 751 12.10 -31.87 -11.77
N VAL A 752 12.99 -31.78 -10.77
CA VAL A 752 12.81 -32.45 -9.49
C VAL A 752 12.20 -31.41 -8.56
N PHE A 753 11.00 -31.74 -8.05
CA PHE A 753 10.25 -30.89 -7.15
C PHE A 753 10.47 -31.36 -5.74
N PHE A 754 11.03 -30.46 -4.92
CA PHE A 754 11.37 -30.69 -3.52
C PHE A 754 10.27 -30.12 -2.64
N ARG A 755 9.76 -30.95 -1.69
CA ARG A 755 8.70 -30.58 -0.74
C ARG A 755 9.19 -29.44 0.19
N PRO A 756 8.28 -28.76 0.96
CA PRO A 756 8.75 -27.66 1.84
C PRO A 756 9.94 -28.08 2.73
N GLY A 757 11.02 -27.32 2.61
CA GLY A 757 12.28 -27.51 3.33
C GLY A 757 12.99 -28.84 3.13
N LYS A 758 12.89 -29.44 1.92
CA LYS A 758 13.51 -30.74 1.61
C LYS A 758 14.69 -30.61 0.62
N PHE A 759 14.83 -29.46 -0.07
CA PHE A 759 15.97 -29.22 -0.97
C PHE A 759 17.22 -28.99 -0.12
N ALA A 760 17.05 -28.28 1.02
CA ALA A 760 18.10 -27.96 1.99
C ALA A 760 18.76 -29.25 2.49
N GLU A 761 17.93 -30.26 2.82
CA GLU A 761 18.36 -31.59 3.26
C GLU A 761 19.21 -32.29 2.19
N PHE A 762 18.88 -32.07 0.88
CA PHE A 762 19.59 -32.65 -0.28
C PHE A 762 20.97 -31.97 -0.48
N ASP A 763 21.01 -30.62 -0.53
CA ASP A 763 22.26 -29.85 -0.73
C ASP A 763 23.25 -30.10 0.43
N GLN A 764 22.72 -30.45 1.62
CA GLN A 764 23.47 -30.80 2.84
C GLN A 764 24.32 -32.07 2.60
N ILE A 765 23.71 -33.17 2.12
CA ILE A 765 24.42 -34.43 1.83
C ILE A 765 25.34 -34.26 0.62
N MET A 766 24.95 -33.45 -0.36
CA MET A 766 25.80 -33.24 -1.54
C MET A 766 27.14 -32.58 -1.17
N LYS A 767 27.19 -31.85 -0.03
CA LYS A 767 28.41 -31.22 0.47
C LYS A 767 29.30 -32.26 1.21
N SER A 768 28.74 -33.44 1.48
CA SER A 768 29.40 -34.54 2.16
C SER A 768 30.63 -35.04 1.37
N ASP A 769 31.54 -35.75 2.07
CA ASP A 769 32.80 -36.31 1.55
C ASP A 769 32.58 -37.05 0.23
N PRO A 770 33.40 -36.76 -0.82
CA PRO A 770 33.21 -37.44 -2.10
C PRO A 770 33.45 -38.95 -2.04
N ASP A 771 34.32 -39.43 -1.12
CA ASP A 771 34.52 -40.88 -0.95
C ASP A 771 33.24 -41.53 -0.42
N HIS A 772 32.51 -40.84 0.48
CA HIS A 772 31.26 -41.37 1.03
C HIS A 772 30.17 -41.36 -0.07
N LEU A 773 30.16 -40.32 -0.94
CA LEU A 773 29.22 -40.23 -2.07
C LEU A 773 29.47 -41.38 -3.04
N ALA A 774 30.75 -41.70 -3.30
CA ALA A 774 31.12 -42.82 -4.17
C ALA A 774 30.65 -44.14 -3.55
N GLU A 775 30.85 -44.35 -2.23
CA GLU A 775 30.40 -45.55 -1.50
C GLU A 775 28.89 -45.71 -1.60
N LEU A 776 28.12 -44.61 -1.42
CA LEU A 776 26.66 -44.62 -1.56
C LEU A 776 26.23 -45.11 -2.96
N VAL A 777 26.96 -44.70 -4.01
CA VAL A 777 26.72 -45.11 -5.41
C VAL A 777 27.00 -46.61 -5.52
N LYS A 778 28.20 -47.08 -5.07
CA LYS A 778 28.66 -48.48 -5.07
C LYS A 778 27.62 -49.46 -4.49
N ARG A 779 26.95 -49.05 -3.40
CA ARG A 779 25.92 -49.83 -2.70
C ARG A 779 24.66 -50.05 -3.54
N VAL A 780 24.36 -49.12 -4.43
N VAL A 780 24.34 -49.14 -4.46
CA VAL A 780 23.18 -49.11 -5.28
CA VAL A 780 23.13 -49.22 -5.28
C VAL A 780 23.52 -49.70 -6.66
C VAL A 780 23.44 -49.61 -6.74
N ASN A 781 24.63 -49.24 -7.25
CA ASN A 781 25.07 -49.62 -8.60
C ASN A 781 26.59 -49.54 -8.71
N HIS A 782 27.26 -50.66 -8.43
CA HIS A 782 28.71 -50.77 -8.51
C HIS A 782 29.20 -50.65 -9.99
N TRP A 783 28.30 -50.70 -10.93
CA TRP A 783 28.68 -50.53 -12.31
C TRP A 783 28.91 -49.10 -12.64
N LEU A 784 28.53 -48.21 -11.74
CA LEU A 784 28.73 -46.81 -11.99
C LEU A 784 30.01 -46.33 -11.35
N ILE A 785 30.78 -47.24 -10.78
CA ILE A 785 32.06 -46.88 -10.25
C ILE A 785 33.07 -46.99 -11.37
#